data_4KK2
#
_entry.id   4KK2
#
_cell.length_a   122.145
_cell.length_b   122.145
_cell.length_c   114.282
_cell.angle_alpha   90.000
_cell.angle_beta   90.000
_cell.angle_gamma   120.000
#
_symmetry.space_group_name_H-M   'P 61'
#
loop_
_entity.id
_entity.type
_entity.pdbx_description
1 polymer 'Monoterpene synthase FDS-5, chloroplastic - Farnesyl diphosphate synthase 1 chimera'
2 water water
#
_entity_poly.entity_id   1
_entity_poly.type   'polypeptide(L)'
_entity_poly.pdbx_seq_one_letter_code
;MGSSHHHHHHSSGLVPRGSHMTTTLSSNLNSQFMQVYETLKSELIHDPLFEFDDDSRQWVERMIDYTVPGGKMVRGYSVV
DSYQLLKGEELTDDEIFLSSALGWCIEWLQAYFLVLDDIMDESHTRRGQPCWFRLPKVGMIAANDGILLRNHVPRILKKH
FRGKPYYVDLVDLFNEVEFQTASGQMIDLITTLVGEKDLSKYSLSIHRRIVQYKTAYYSFYLPVACALLMFGEDLDKHVE
VKNVLVEMGTYFQVQDDYLDCFGAPEVIGKIGTDIEDFKCSWLVVKALELANEEQKKTLHENYGKKDPASVAKVKEVYHT
LNLQAVFEDYEATSYKKLITSIENHPSKAVQAVLKSFLGKIYKRQK
;
_entity_poly.pdbx_strand_id   A,B
#
# COMPACT_ATOMS: atom_id res chain seq x y z
N LEU A 29 30.27 8.32 -6.00
CA LEU A 29 29.38 8.51 -4.86
C LEU A 29 28.58 7.26 -4.56
N ASN A 30 29.18 6.09 -4.82
CA ASN A 30 28.49 4.83 -4.63
C ASN A 30 28.48 4.34 -3.18
N SER A 31 29.65 4.27 -2.56
CA SER A 31 29.78 3.85 -1.16
C SER A 31 28.88 4.70 -0.26
N GLN A 32 28.84 5.99 -0.53
CA GLN A 32 28.02 6.91 0.24
C GLN A 32 26.54 6.62 0.04
N PHE A 33 26.16 6.30 -1.20
CA PHE A 33 24.76 5.98 -1.50
C PHE A 33 24.33 4.78 -0.66
N MET A 34 25.19 3.76 -0.63
CA MET A 34 24.92 2.56 0.15
C MET A 34 24.96 2.83 1.65
N GLN A 35 25.82 3.76 2.06
CA GLN A 35 25.89 4.13 3.46
C GLN A 35 24.59 4.80 3.90
N VAL A 36 23.97 5.55 2.99
CA VAL A 36 22.71 6.21 3.28
C VAL A 36 21.61 5.18 3.51
N TYR A 37 21.63 4.10 2.74
CA TYR A 37 20.74 2.97 2.96
C TYR A 37 20.80 2.46 4.41
N GLU A 38 22.03 2.24 4.89
CA GLU A 38 22.24 1.72 6.23
C GLU A 38 21.68 2.66 7.30
N THR A 39 21.88 3.96 7.11
CA THR A 39 21.35 4.96 8.04
C THR A 39 19.82 4.99 8.05
N LEU A 40 19.21 5.02 6.87
CA LEU A 40 17.75 5.05 6.76
C LEU A 40 17.11 3.79 7.36
N LYS A 41 17.69 2.63 7.06
CA LYS A 41 17.20 1.36 7.59
C LYS A 41 17.28 1.36 9.12
N SER A 42 18.42 1.77 9.66
CA SER A 42 18.59 1.89 11.10
C SER A 42 17.55 2.83 11.74
N GLU A 43 17.24 3.93 11.06
CA GLU A 43 16.24 4.86 11.57
C GLU A 43 14.86 4.23 11.55
N LEU A 44 14.54 3.54 10.47
CA LEU A 44 13.23 2.91 10.33
C LEU A 44 12.97 1.90 11.45
N ILE A 45 13.96 1.07 11.78
CA ILE A 45 13.77 0.03 12.78
C ILE A 45 13.92 0.54 14.24
N HIS A 46 14.13 1.85 14.38
CA HIS A 46 14.04 2.50 15.68
C HIS A 46 13.00 3.63 15.63
N ASP A 47 12.00 3.48 14.77
CA ASP A 47 10.99 4.52 14.55
C ASP A 47 10.17 4.76 15.81
N PRO A 48 10.19 6.00 16.32
CA PRO A 48 9.47 6.36 17.55
C PRO A 48 7.94 6.26 17.42
N LEU A 49 7.41 6.17 16.21
CA LEU A 49 5.97 5.98 16.02
C LEU A 49 5.51 4.55 16.26
N PHE A 50 6.45 3.61 16.37
CA PHE A 50 6.08 2.23 16.62
C PHE A 50 6.90 1.64 17.77
N GLU A 51 6.26 0.79 18.55
CA GLU A 51 6.87 0.20 19.74
C GLU A 51 7.46 -1.14 19.31
N PHE A 52 8.74 -1.13 18.94
CA PHE A 52 9.43 -2.34 18.53
C PHE A 52 9.84 -3.15 19.76
N ASP A 53 9.90 -4.49 19.59
CA ASP A 53 10.72 -5.34 20.46
C ASP A 53 11.74 -6.06 19.61
N ASP A 54 12.51 -6.96 20.23
CA ASP A 54 13.57 -7.70 19.55
C ASP A 54 13.09 -8.44 18.29
N ASP A 55 12.00 -9.20 18.41
CA ASP A 55 11.45 -9.98 17.30
C ASP A 55 10.91 -9.15 16.15
N SER A 56 10.28 -8.02 16.47
CA SER A 56 9.68 -7.21 15.43
C SER A 56 10.74 -6.37 14.73
N ARG A 57 11.75 -5.96 15.49
CA ARG A 57 12.85 -5.18 14.92
C ARG A 57 13.64 -6.10 13.99
N GLN A 58 13.86 -7.34 14.44
CA GLN A 58 14.55 -8.32 13.61
C GLN A 58 13.74 -8.63 12.34
N TRP A 59 12.43 -8.81 12.47
CA TRP A 59 11.61 -9.14 11.32
C TRP A 59 11.71 -8.09 10.20
N VAL A 60 11.49 -6.84 10.56
CA VAL A 60 11.51 -5.74 9.61
C VAL A 60 12.91 -5.49 9.03
N GLU A 61 13.93 -5.52 9.87
CA GLU A 61 15.29 -5.33 9.39
C GLU A 61 15.67 -6.37 8.32
N ARG A 62 15.43 -7.64 8.62
CA ARG A 62 15.64 -8.69 7.63
C ARG A 62 14.76 -8.52 6.39
N MET A 63 13.53 -8.08 6.57
CA MET A 63 12.62 -7.97 5.42
C MET A 63 13.12 -6.88 4.47
N ILE A 64 13.49 -5.74 5.04
CA ILE A 64 14.11 -4.64 4.30
C ILE A 64 15.36 -5.10 3.53
N ASP A 65 16.33 -5.68 4.23
CA ASP A 65 17.56 -6.17 3.61
C ASP A 65 17.29 -7.13 2.44
N TYR A 66 16.24 -7.94 2.54
CA TYR A 66 15.94 -8.94 1.52
C TYR A 66 15.28 -8.31 0.29
N THR A 67 14.44 -7.30 0.50
CA THR A 67 13.56 -6.84 -0.56
C THR A 67 13.99 -5.54 -1.22
N VAL A 68 14.78 -4.74 -0.50
CA VAL A 68 15.08 -3.38 -0.94
C VAL A 68 16.41 -3.17 -1.68
N PRO A 69 17.55 -3.57 -1.08
CA PRO A 69 18.83 -3.16 -1.68
C PRO A 69 19.47 -4.16 -2.65
N GLY A 70 18.73 -5.15 -3.13
CA GLY A 70 19.36 -6.22 -3.91
C GLY A 70 19.52 -6.01 -5.41
N GLY A 71 19.08 -4.87 -5.92
CA GLY A 71 19.11 -4.63 -7.35
C GLY A 71 20.25 -3.73 -7.82
N LYS A 72 20.08 -3.15 -9.00
CA LYS A 72 21.14 -2.33 -9.60
C LYS A 72 21.02 -0.87 -9.16
N MET A 73 19.86 -0.51 -8.59
CA MET A 73 19.68 0.81 -7.97
C MET A 73 19.82 1.96 -8.96
N VAL A 74 19.53 1.69 -10.25
CA VAL A 74 19.66 2.73 -11.28
C VAL A 74 18.73 3.93 -11.00
N ARG A 75 17.48 3.67 -10.62
CA ARG A 75 16.54 4.76 -10.33
C ARG A 75 16.99 5.60 -9.13
N GLY A 76 17.32 4.94 -8.03
CA GLY A 76 17.91 5.61 -6.88
C GLY A 76 19.09 6.50 -7.22
N TYR A 77 20.13 5.91 -7.80
CA TYR A 77 21.35 6.62 -8.22
C TYR A 77 21.02 7.88 -9.00
N SER A 78 20.02 7.74 -9.87
CA SER A 78 19.65 8.79 -10.81
C SER A 78 19.29 10.11 -10.13
N VAL A 79 18.80 10.03 -8.91
CA VAL A 79 18.50 11.26 -8.17
C VAL A 79 19.79 12.03 -7.90
N VAL A 80 20.80 11.32 -7.38
CA VAL A 80 22.09 11.93 -7.07
C VAL A 80 22.77 12.46 -8.34
N ASP A 81 22.79 11.66 -9.39
CA ASP A 81 23.35 12.06 -10.68
C ASP A 81 22.65 13.31 -11.23
N SER A 82 21.32 13.25 -11.32
CA SER A 82 20.55 14.36 -11.86
C SER A 82 20.73 15.62 -11.03
N TYR A 83 20.76 15.46 -9.70
CA TYR A 83 20.96 16.63 -8.84
C TYR A 83 22.34 17.25 -9.03
N GLN A 84 23.35 16.40 -9.19
CA GLN A 84 24.71 16.87 -9.43
C GLN A 84 24.78 17.69 -10.72
N LEU A 85 24.08 17.22 -11.74
CA LEU A 85 24.07 17.88 -13.04
C LEU A 85 23.35 19.22 -12.95
N LEU A 86 22.34 19.29 -12.09
CA LEU A 86 21.60 20.54 -11.90
C LEU A 86 22.47 21.61 -11.26
N LYS A 87 23.26 21.22 -10.26
CA LYS A 87 24.11 22.17 -9.54
C LYS A 87 25.33 22.59 -10.38
N GLY A 88 25.98 21.61 -11.00
CA GLY A 88 27.11 21.90 -11.86
C GLY A 88 28.44 21.75 -11.16
N GLU A 89 28.39 21.64 -9.83
CA GLU A 89 29.59 21.47 -9.03
C GLU A 89 29.43 20.32 -8.05
N GLU A 90 30.49 20.04 -7.30
CA GLU A 90 30.46 18.94 -6.34
C GLU A 90 29.44 19.20 -5.23
N LEU A 91 28.92 18.13 -4.66
CA LEU A 91 27.86 18.26 -3.66
C LEU A 91 28.43 18.39 -2.25
N THR A 92 27.67 19.03 -1.37
CA THR A 92 28.02 19.09 0.05
C THR A 92 27.65 17.74 0.66
N ASP A 93 28.05 17.50 1.91
CA ASP A 93 27.69 16.26 2.59
C ASP A 93 26.16 16.12 2.70
N ASP A 94 25.49 17.26 2.91
CA ASP A 94 24.05 17.27 3.08
C ASP A 94 23.32 16.97 1.78
N GLU A 95 23.76 17.59 0.68
CA GLU A 95 23.17 17.34 -0.63
C GLU A 95 23.33 15.88 -1.06
N ILE A 96 24.48 15.29 -0.74
CA ILE A 96 24.69 13.88 -1.02
C ILE A 96 23.73 13.02 -0.20
N PHE A 97 23.60 13.34 1.09
CA PHE A 97 22.67 12.57 1.93
C PHE A 97 21.23 12.73 1.45
N LEU A 98 20.80 13.97 1.24
CA LEU A 98 19.41 14.23 0.86
C LEU A 98 19.05 13.63 -0.50
N SER A 99 19.92 13.82 -1.50
CA SER A 99 19.63 13.25 -2.82
C SER A 99 19.60 11.72 -2.77
N SER A 100 20.52 11.12 -2.02
CA SER A 100 20.55 9.67 -1.86
C SER A 100 19.30 9.18 -1.13
N ALA A 101 18.84 9.96 -0.16
CA ALA A 101 17.62 9.60 0.58
C ALA A 101 16.41 9.50 -0.34
N LEU A 102 16.29 10.46 -1.26
CA LEU A 102 15.15 10.44 -2.20
C LEU A 102 15.31 9.26 -3.16
N GLY A 103 16.54 9.04 -3.63
CA GLY A 103 16.85 7.88 -4.45
C GLY A 103 16.36 6.62 -3.77
N TRP A 104 16.65 6.49 -2.48
CA TRP A 104 16.21 5.32 -1.74
C TRP A 104 14.69 5.24 -1.58
N CYS A 105 14.02 6.37 -1.41
CA CYS A 105 12.55 6.36 -1.41
C CYS A 105 12.02 5.71 -2.68
N ILE A 106 12.65 6.01 -3.81
CA ILE A 106 12.21 5.42 -5.07
C ILE A 106 12.44 3.92 -5.06
N GLU A 107 13.62 3.50 -4.59
CA GLU A 107 13.93 2.09 -4.53
C GLU A 107 13.00 1.35 -3.56
N TRP A 108 12.62 2.02 -2.47
CA TRP A 108 11.69 1.46 -1.50
C TRP A 108 10.33 1.29 -2.16
N LEU A 109 9.92 2.31 -2.91
CA LEU A 109 8.61 2.25 -3.55
C LEU A 109 8.57 1.13 -4.59
N GLN A 110 9.63 1.00 -5.39
CA GLN A 110 9.72 -0.10 -6.35
C GLN A 110 9.71 -1.47 -5.64
N ALA A 111 10.45 -1.61 -4.55
CA ALA A 111 10.53 -2.88 -3.82
C ALA A 111 9.14 -3.35 -3.38
N TYR A 112 8.33 -2.41 -2.93
CA TYR A 112 6.95 -2.65 -2.54
C TYR A 112 6.11 -3.18 -3.69
N PHE A 113 6.18 -2.52 -4.85
CA PHE A 113 5.46 -3.01 -6.02
C PHE A 113 5.92 -4.39 -6.47
N LEU A 114 7.23 -4.64 -6.38
CA LEU A 114 7.81 -5.90 -6.85
C LEU A 114 7.43 -7.06 -5.93
N VAL A 115 7.38 -6.78 -4.62
CA VAL A 115 6.96 -7.79 -3.65
C VAL A 115 5.53 -8.23 -3.99
N LEU A 116 4.64 -7.28 -4.22
CA LEU A 116 3.26 -7.60 -4.56
C LEU A 116 3.14 -8.25 -5.94
N ASP A 117 3.89 -7.77 -6.92
CA ASP A 117 3.82 -8.32 -8.26
C ASP A 117 4.21 -9.80 -8.24
N ASP A 118 5.28 -10.11 -7.49
CA ASP A 118 5.70 -11.50 -7.37
C ASP A 118 4.58 -12.37 -6.79
N ILE A 119 3.84 -11.84 -5.83
CA ILE A 119 2.71 -12.58 -5.28
C ILE A 119 1.62 -12.81 -6.33
N MET A 120 1.25 -11.74 -7.03
CA MET A 120 0.14 -11.84 -7.98
C MET A 120 0.47 -12.72 -9.17
N ASP A 121 1.75 -12.79 -9.51
CA ASP A 121 2.17 -13.52 -10.71
C ASP A 121 2.62 -14.93 -10.36
N GLU A 122 2.57 -15.29 -9.07
CA GLU A 122 3.03 -16.60 -8.60
C GLU A 122 4.47 -16.87 -9.03
N SER A 123 5.31 -15.84 -8.97
CA SER A 123 6.71 -16.01 -9.35
C SER A 123 7.46 -16.86 -8.33
N HIS A 124 8.65 -17.31 -8.71
CA HIS A 124 9.46 -18.17 -7.87
C HIS A 124 10.72 -17.47 -7.37
N THR A 125 11.39 -16.73 -8.25
CA THR A 125 12.64 -16.08 -7.90
C THR A 125 12.71 -14.62 -8.34
N ARG A 126 13.57 -13.85 -7.68
CA ARG A 126 13.86 -12.46 -8.04
C ARG A 126 15.24 -12.11 -7.50
N ARG A 127 16.06 -11.47 -8.33
CA ARG A 127 17.41 -11.05 -7.91
C ARG A 127 18.25 -12.22 -7.39
N GLY A 128 18.05 -13.40 -7.97
CA GLY A 128 18.85 -14.57 -7.64
C GLY A 128 18.44 -15.34 -6.39
N GLN A 129 17.28 -15.01 -5.83
CA GLN A 129 16.82 -15.61 -4.59
C GLN A 129 15.32 -15.89 -4.71
N PRO A 130 14.79 -16.80 -3.88
CA PRO A 130 13.34 -16.99 -3.84
C PRO A 130 12.63 -15.67 -3.60
N CYS A 131 11.44 -15.52 -4.16
CA CYS A 131 10.66 -14.33 -3.87
C CYS A 131 10.35 -14.32 -2.38
N TRP A 132 10.20 -13.13 -1.80
CA TRP A 132 9.95 -12.98 -0.37
C TRP A 132 8.78 -13.86 0.08
N PHE A 133 7.68 -13.85 -0.66
CA PHE A 133 6.51 -14.64 -0.25
C PHE A 133 6.71 -16.15 -0.38
N ARG A 134 7.79 -16.58 -1.04
CA ARG A 134 8.04 -18.00 -1.22
C ARG A 134 8.76 -18.65 -0.04
N LEU A 135 9.35 -17.85 0.84
CA LEU A 135 10.03 -18.40 2.00
C LEU A 135 9.03 -19.04 2.96
N PRO A 136 9.37 -20.22 3.51
CA PRO A 136 8.49 -20.99 4.39
C PRO A 136 7.87 -20.14 5.50
N LYS A 137 8.66 -19.28 6.14
CA LYS A 137 8.16 -18.52 7.29
C LYS A 137 7.50 -17.19 6.89
N VAL A 138 7.53 -16.84 5.61
CA VAL A 138 6.94 -15.58 5.16
C VAL A 138 5.55 -15.81 4.59
N GLY A 139 5.45 -16.56 3.48
CA GLY A 139 4.16 -16.83 2.87
C GLY A 139 3.45 -15.53 2.57
N MET A 140 2.14 -15.49 2.79
CA MET A 140 1.35 -14.30 2.45
C MET A 140 1.58 -13.14 3.41
N ILE A 141 2.38 -13.34 4.45
CA ILE A 141 2.76 -12.22 5.29
C ILE A 141 3.47 -11.17 4.41
N ALA A 142 4.07 -11.63 3.31
CA ALA A 142 4.72 -10.75 2.35
C ALA A 142 3.85 -9.59 1.85
N ALA A 143 2.54 -9.78 1.87
CA ALA A 143 1.64 -8.74 1.38
C ALA A 143 1.66 -7.55 2.33
N ASN A 144 1.58 -7.83 3.63
CA ASN A 144 1.66 -6.76 4.61
C ASN A 144 3.09 -6.21 4.70
N ASP A 145 4.09 -7.05 4.46
CA ASP A 145 5.47 -6.54 4.40
C ASP A 145 5.64 -5.51 3.28
N GLY A 146 5.12 -5.80 2.09
CA GLY A 146 5.13 -4.84 1.00
C GLY A 146 4.46 -3.53 1.40
N ILE A 147 3.35 -3.62 2.11
CA ILE A 147 2.65 -2.45 2.64
C ILE A 147 3.53 -1.66 3.61
N LEU A 148 4.27 -2.37 4.46
CA LEU A 148 5.19 -1.70 5.39
C LEU A 148 6.24 -0.89 4.63
N LEU A 149 6.81 -1.50 3.59
CA LEU A 149 7.80 -0.84 2.75
C LEU A 149 7.25 0.44 2.13
N ARG A 150 6.01 0.38 1.65
CA ARG A 150 5.40 1.57 1.07
C ARG A 150 5.34 2.66 2.13
N ASN A 151 4.95 2.27 3.36
CA ASN A 151 4.85 3.25 4.45
C ASN A 151 6.18 3.81 4.94
N HIS A 152 7.26 3.08 4.65
CA HIS A 152 8.61 3.58 4.95
C HIS A 152 8.95 4.85 4.17
N VAL A 153 8.34 5.00 3.00
CA VAL A 153 8.61 6.17 2.17
C VAL A 153 8.21 7.49 2.87
N PRO A 154 6.96 7.61 3.36
CA PRO A 154 6.70 8.85 4.12
C PRO A 154 7.50 8.95 5.42
N ARG A 155 7.94 7.85 6.02
CA ARG A 155 8.74 7.97 7.24
C ARG A 155 10.08 8.62 6.89
N ILE A 156 10.64 8.25 5.75
CA ILE A 156 11.91 8.80 5.33
C ILE A 156 11.74 10.28 4.97
N LEU A 157 10.70 10.58 4.20
CA LEU A 157 10.40 11.95 3.79
C LEU A 157 10.21 12.85 5.01
N LYS A 158 9.48 12.35 6.01
CA LYS A 158 9.18 13.16 7.18
C LYS A 158 10.42 13.44 8.02
N LYS A 159 11.26 12.43 8.20
CA LYS A 159 12.46 12.58 9.02
C LYS A 159 13.43 13.60 8.45
N HIS A 160 13.63 13.61 7.14
CA HIS A 160 14.73 14.42 6.58
C HIS A 160 14.26 15.62 5.75
N PHE A 161 12.97 15.73 5.47
CA PHE A 161 12.51 16.79 4.56
C PHE A 161 11.39 17.68 5.11
N ARG A 162 10.86 17.35 6.29
CA ARG A 162 9.65 18.02 6.80
C ARG A 162 9.84 19.51 7.03
N GLY A 163 11.09 19.94 7.19
CA GLY A 163 11.38 21.35 7.37
C GLY A 163 11.68 22.07 6.07
N LYS A 164 11.69 21.34 4.96
CA LYS A 164 11.96 21.94 3.66
C LYS A 164 10.73 22.65 3.11
N PRO A 165 10.93 23.74 2.35
CA PRO A 165 9.78 24.46 1.77
C PRO A 165 9.03 23.61 0.77
N TYR A 166 9.71 22.66 0.16
CA TYR A 166 9.11 21.79 -0.84
C TYR A 166 8.65 20.44 -0.29
N TYR A 167 8.44 20.36 1.03
CA TYR A 167 8.05 19.08 1.66
C TYR A 167 6.71 18.58 1.15
N VAL A 168 5.73 19.49 1.05
CA VAL A 168 4.39 19.09 0.62
C VAL A 168 4.42 18.57 -0.81
N ASP A 169 5.27 19.16 -1.64
CA ASP A 169 5.39 18.76 -3.03
C ASP A 169 5.96 17.37 -3.17
N LEU A 170 6.92 17.03 -2.31
CA LEU A 170 7.52 15.70 -2.30
C LEU A 170 6.47 14.68 -1.88
N VAL A 171 5.73 14.99 -0.84
CA VAL A 171 4.72 14.07 -0.33
C VAL A 171 3.63 13.83 -1.38
N ASP A 172 3.14 14.92 -2.00
CA ASP A 172 2.17 14.81 -3.08
C ASP A 172 2.78 14.06 -4.26
N LEU A 173 4.05 14.36 -4.57
CA LEU A 173 4.74 13.71 -5.71
C LEU A 173 4.76 12.18 -5.57
N PHE A 174 5.16 11.70 -4.40
CA PHE A 174 5.23 10.25 -4.22
C PHE A 174 3.86 9.58 -4.21
N ASN A 175 2.85 10.19 -3.60
CA ASN A 175 1.48 9.64 -3.65
C ASN A 175 0.96 9.54 -5.08
N GLU A 176 1.20 10.58 -5.85
CA GLU A 176 0.66 10.65 -7.19
C GLU A 176 1.30 9.64 -8.13
N VAL A 177 2.62 9.53 -8.07
CA VAL A 177 3.31 8.54 -8.89
C VAL A 177 2.95 7.13 -8.43
N GLU A 178 2.78 6.95 -7.12
CA GLU A 178 2.37 5.64 -6.61
C GLU A 178 0.99 5.31 -7.18
N PHE A 179 0.08 6.28 -7.15
CA PHE A 179 -1.25 6.11 -7.75
C PHE A 179 -1.18 5.74 -9.22
N GLN A 180 -0.27 6.39 -9.96
CA GLN A 180 -0.19 6.15 -11.40
C GLN A 180 0.37 4.75 -11.66
N THR A 181 1.33 4.35 -10.84
CA THR A 181 1.95 3.04 -10.97
C THR A 181 0.93 1.93 -10.67
N ALA A 182 0.16 2.10 -9.61
CA ALA A 182 -0.86 1.13 -9.24
C ALA A 182 -1.91 1.05 -10.34
N SER A 183 -2.24 2.19 -10.92
CA SER A 183 -3.25 2.20 -11.98
C SER A 183 -2.69 1.50 -13.23
N GLY A 184 -1.40 1.68 -13.50
CA GLY A 184 -0.77 1.02 -14.63
C GLY A 184 -0.75 -0.50 -14.43
N GLN A 185 -0.48 -0.92 -13.21
CA GLN A 185 -0.47 -2.34 -12.87
C GLN A 185 -1.89 -2.88 -13.02
N MET A 186 -2.87 -2.09 -12.60
CA MET A 186 -4.26 -2.47 -12.70
C MET A 186 -4.69 -2.76 -14.14
N ILE A 187 -4.34 -1.89 -15.08
CA ILE A 187 -4.77 -2.16 -16.45
C ILE A 187 -3.97 -3.28 -17.07
N ASP A 188 -2.72 -3.45 -16.63
CA ASP A 188 -1.90 -4.56 -17.11
C ASP A 188 -2.56 -5.89 -16.70
N LEU A 189 -2.98 -5.97 -15.43
CA LEU A 189 -3.62 -7.19 -14.90
C LEU A 189 -4.95 -7.50 -15.58
N ILE A 190 -5.81 -6.50 -15.73
CA ILE A 190 -7.13 -6.77 -16.32
C ILE A 190 -7.05 -7.02 -17.83
N THR A 191 -6.07 -6.40 -18.50
CA THR A 191 -5.85 -6.64 -19.92
C THR A 191 -5.36 -8.06 -20.15
N THR A 192 -4.47 -8.53 -19.27
CA THR A 192 -3.75 -9.77 -19.56
C THR A 192 -4.22 -10.99 -18.77
N LEU A 193 -5.06 -10.79 -17.75
CA LEU A 193 -5.50 -11.91 -16.90
C LEU A 193 -7.02 -12.10 -16.87
N VAL A 194 -7.76 -10.99 -16.89
CA VAL A 194 -9.21 -11.06 -16.75
C VAL A 194 -9.86 -11.62 -18.02
N GLY A 195 -10.70 -12.64 -17.84
CA GLY A 195 -11.39 -13.29 -18.93
C GLY A 195 -10.49 -14.18 -19.76
N GLU A 196 -10.97 -14.54 -20.94
CA GLU A 196 -10.22 -15.36 -21.87
C GLU A 196 -9.01 -14.61 -22.39
N LYS A 197 -8.04 -15.36 -22.88
CA LYS A 197 -6.77 -14.76 -23.28
C LYS A 197 -6.87 -13.81 -24.47
N ASP A 198 -7.59 -14.23 -25.51
CA ASP A 198 -7.95 -13.41 -26.66
C ASP A 198 -6.95 -12.31 -27.06
N LEU A 199 -6.05 -12.66 -27.98
CA LEU A 199 -5.00 -11.75 -28.43
C LEU A 199 -5.54 -10.45 -29.03
N SER A 200 -6.81 -10.45 -29.45
CA SER A 200 -7.40 -9.23 -30.00
C SER A 200 -7.67 -8.18 -28.92
N LYS A 201 -7.68 -8.60 -27.66
CA LYS A 201 -7.75 -7.65 -26.53
C LYS A 201 -6.51 -6.74 -26.49
N TYR A 202 -5.42 -7.20 -27.09
CA TYR A 202 -4.18 -6.44 -27.08
C TYR A 202 -4.17 -5.42 -28.23
N SER A 203 -3.52 -4.28 -28.00
CA SER A 203 -3.33 -3.27 -29.04
C SER A 203 -2.21 -2.31 -28.64
N LEU A 204 -1.77 -1.48 -29.60
CA LEU A 204 -0.67 -0.56 -29.37
C LEU A 204 -1.03 0.51 -28.34
N SER A 205 -2.27 0.97 -28.38
CA SER A 205 -2.73 1.97 -27.43
C SER A 205 -2.68 1.43 -26.02
N ILE A 206 -3.16 0.19 -25.84
CA ILE A 206 -3.19 -0.42 -24.51
C ILE A 206 -1.76 -0.63 -24.04
N HIS A 207 -0.90 -1.09 -24.95
CA HIS A 207 0.51 -1.29 -24.60
C HIS A 207 1.15 0.00 -24.10
N ARG A 208 0.94 1.08 -24.85
CA ARG A 208 1.46 2.39 -24.44
C ARG A 208 0.92 2.81 -23.07
N ARG A 209 -0.40 2.70 -22.90
CA ARG A 209 -1.02 3.08 -21.63
C ARG A 209 -0.40 2.31 -20.47
N ILE A 210 -0.24 1.00 -20.66
CA ILE A 210 0.32 0.16 -19.61
C ILE A 210 1.73 0.58 -19.27
N VAL A 211 2.57 0.68 -20.28
CA VAL A 211 3.97 0.99 -20.10
C VAL A 211 4.15 2.38 -19.49
N GLN A 212 3.32 3.31 -19.90
CA GLN A 212 3.45 4.68 -19.44
C GLN A 212 3.17 4.78 -17.93
N TYR A 213 1.99 4.35 -17.52
CA TYR A 213 1.58 4.49 -16.14
C TYR A 213 2.28 3.52 -15.20
N LYS A 214 2.49 2.28 -15.66
CA LYS A 214 3.10 1.25 -14.83
C LYS A 214 4.58 1.47 -14.57
N THR A 215 5.30 2.01 -15.55
CA THR A 215 6.75 2.08 -15.41
C THR A 215 7.34 3.48 -15.58
N ALA A 216 6.84 4.25 -16.54
CA ALA A 216 7.55 5.47 -16.95
C ALA A 216 7.52 6.59 -15.92
N TYR A 217 6.42 6.76 -15.21
CA TYR A 217 6.37 7.80 -14.19
C TYR A 217 7.35 7.52 -13.05
N TYR A 218 7.40 6.29 -12.54
CA TYR A 218 8.25 6.03 -11.38
C TYR A 218 9.72 5.82 -11.78
N SER A 219 9.95 5.34 -13.00
CA SER A 219 11.31 5.01 -13.42
C SER A 219 12.08 6.19 -13.95
N PHE A 220 11.39 7.09 -14.65
CA PHE A 220 12.08 8.17 -15.33
C PHE A 220 11.72 9.56 -14.82
N TYR A 221 10.44 9.83 -14.64
CA TYR A 221 10.03 11.16 -14.16
C TYR A 221 10.39 11.37 -12.69
N LEU A 222 9.93 10.45 -11.84
CA LEU A 222 10.16 10.56 -10.40
C LEU A 222 11.58 10.97 -9.97
N PRO A 223 12.64 10.28 -10.47
CA PRO A 223 14.00 10.66 -10.05
C PRO A 223 14.35 12.13 -10.33
N VAL A 224 14.00 12.60 -11.51
CA VAL A 224 14.35 13.94 -11.92
C VAL A 224 13.49 14.94 -11.16
N ALA A 225 12.23 14.57 -10.96
CA ALA A 225 11.32 15.41 -10.19
C ALA A 225 11.84 15.61 -8.79
N CYS A 226 12.39 14.54 -8.21
CA CYS A 226 12.99 14.61 -6.87
C CYS A 226 14.15 15.61 -6.86
N ALA A 227 15.03 15.48 -7.85
CA ALA A 227 16.18 16.37 -8.00
C ALA A 227 15.75 17.82 -8.18
N LEU A 228 14.71 18.03 -8.99
CA LEU A 228 14.25 19.39 -9.26
C LEU A 228 13.70 20.06 -8.00
N LEU A 229 12.92 19.32 -7.22
CA LEU A 229 12.32 19.89 -6.02
C LEU A 229 13.40 20.28 -5.02
N MET A 230 14.41 19.42 -4.93
CA MET A 230 15.50 19.62 -3.98
C MET A 230 16.32 20.86 -4.39
N PHE A 231 16.42 21.05 -5.71
CA PHE A 231 17.14 22.19 -6.26
C PHE A 231 16.38 23.50 -6.07
N GLY A 232 15.12 23.40 -5.67
CA GLY A 232 14.32 24.59 -5.42
C GLY A 232 13.35 24.91 -6.55
N GLU A 233 13.29 24.02 -7.54
CA GLU A 233 12.43 24.22 -8.71
C GLU A 233 10.95 23.94 -8.44
N ASP A 234 10.10 24.40 -9.37
CA ASP A 234 8.65 24.25 -9.29
C ASP A 234 8.18 23.30 -10.41
N LEU A 235 7.62 22.14 -10.02
CA LEU A 235 7.24 21.10 -10.99
C LEU A 235 6.13 21.57 -11.91
N ASP A 236 5.35 22.53 -11.43
CA ASP A 236 4.31 23.18 -12.21
C ASP A 236 4.92 23.83 -13.47
N LYS A 237 6.24 24.06 -13.43
CA LYS A 237 6.95 24.76 -14.49
C LYS A 237 7.87 23.83 -15.27
N HIS A 238 7.73 22.51 -15.05
CA HIS A 238 8.62 21.55 -15.70
C HIS A 238 7.86 20.42 -16.37
N VAL A 239 6.65 20.74 -16.85
CA VAL A 239 5.83 19.79 -17.59
C VAL A 239 6.59 19.28 -18.81
N GLU A 240 7.35 20.17 -19.45
CA GLU A 240 8.21 19.77 -20.56
C GLU A 240 9.11 18.61 -20.19
N VAL A 241 9.79 18.75 -19.06
CA VAL A 241 10.71 17.71 -18.58
C VAL A 241 9.94 16.42 -18.33
N LYS A 242 8.74 16.53 -17.78
CA LYS A 242 7.91 15.36 -17.51
C LYS A 242 7.54 14.61 -18.79
N ASN A 243 7.10 15.36 -19.80
CA ASN A 243 6.69 14.77 -21.06
C ASN A 243 7.80 14.04 -21.80
N VAL A 244 8.99 14.61 -21.78
CA VAL A 244 10.14 13.98 -22.39
C VAL A 244 10.46 12.68 -21.67
N LEU A 245 10.44 12.71 -20.35
CA LEU A 245 10.81 11.54 -19.56
C LEU A 245 9.81 10.38 -19.72
N VAL A 246 8.53 10.73 -19.80
CA VAL A 246 7.49 9.75 -20.07
C VAL A 246 7.72 9.09 -21.43
N GLU A 247 7.97 9.91 -22.46
CA GLU A 247 8.28 9.38 -23.78
C GLU A 247 9.48 8.45 -23.73
N MET A 248 10.53 8.89 -23.05
CA MET A 248 11.75 8.12 -22.91
C MET A 248 11.48 6.78 -22.23
N GLY A 249 10.72 6.83 -21.13
CA GLY A 249 10.37 5.61 -20.41
C GLY A 249 9.57 4.63 -21.25
N THR A 250 8.78 5.15 -22.18
CA THR A 250 8.01 4.31 -23.10
C THR A 250 8.94 3.59 -24.09
N TYR A 251 9.81 4.36 -24.73
CA TYR A 251 10.90 3.83 -25.54
C TYR A 251 11.70 2.75 -24.79
N PHE A 252 12.05 3.03 -23.54
CA PHE A 252 12.81 2.07 -22.73
C PHE A 252 12.12 0.72 -22.64
N GLN A 253 10.81 0.72 -22.46
CA GLN A 253 10.08 -0.54 -22.31
C GLN A 253 9.88 -1.27 -23.65
N VAL A 254 9.73 -0.51 -24.74
CA VAL A 254 9.76 -1.12 -26.06
C VAL A 254 11.09 -1.86 -26.30
N GLN A 255 12.21 -1.24 -25.93
CA GLN A 255 13.54 -1.89 -26.05
C GLN A 255 13.55 -3.22 -25.30
N ASP A 256 13.06 -3.19 -24.06
CA ASP A 256 12.96 -4.38 -23.22
C ASP A 256 12.12 -5.48 -23.88
N ASP A 257 10.96 -5.10 -24.41
CA ASP A 257 10.11 -6.04 -25.12
C ASP A 257 10.90 -6.67 -26.27
N TYR A 258 11.56 -5.83 -27.05
CA TYR A 258 12.35 -6.30 -28.18
C TYR A 258 13.45 -7.26 -27.73
N LEU A 259 14.19 -6.86 -26.71
CA LEU A 259 15.32 -7.65 -26.24
C LEU A 259 14.89 -9.01 -25.69
N ASP A 260 13.69 -9.05 -25.10
CA ASP A 260 13.21 -10.30 -24.54
C ASP A 260 13.17 -11.42 -25.58
N CYS A 261 12.93 -11.05 -26.83
CA CYS A 261 12.83 -12.04 -27.90
C CYS A 261 14.10 -12.12 -28.75
N PHE A 262 14.75 -10.99 -28.97
CA PHE A 262 15.85 -10.92 -29.93
C PHE A 262 17.24 -10.68 -29.33
N GLY A 263 17.31 -10.33 -28.05
CA GLY A 263 18.61 -10.15 -27.43
C GLY A 263 19.30 -11.49 -27.22
N ALA A 264 20.62 -11.49 -27.22
CA ALA A 264 21.37 -12.72 -26.94
C ALA A 264 21.32 -13.00 -25.44
N PRO A 265 20.93 -14.23 -25.08
CA PRO A 265 20.90 -14.64 -23.66
C PRO A 265 22.27 -14.48 -23.01
N GLU A 266 23.34 -14.72 -23.75
CA GLU A 266 24.71 -14.56 -23.23
C GLU A 266 24.97 -13.11 -22.79
N VAL A 267 24.23 -12.18 -23.38
CA VAL A 267 24.40 -10.75 -23.07
C VAL A 267 23.34 -10.23 -22.08
N ILE A 268 22.09 -10.62 -22.27
CA ILE A 268 21.04 -10.05 -21.44
C ILE A 268 20.86 -10.81 -20.13
N GLY A 269 21.42 -12.01 -20.07
CA GLY A 269 21.48 -12.73 -18.81
C GLY A 269 20.21 -13.48 -18.43
N LYS A 270 19.36 -13.76 -19.41
CA LYS A 270 18.16 -14.54 -19.17
C LYS A 270 17.66 -15.09 -20.50
N ILE A 271 16.77 -16.07 -20.43
CA ILE A 271 16.06 -16.57 -21.61
C ILE A 271 14.62 -16.05 -21.57
N GLY A 272 14.31 -15.09 -22.45
CA GLY A 272 13.00 -14.45 -22.47
C GLY A 272 11.82 -15.41 -22.65
N THR A 273 10.73 -15.14 -21.95
CA THR A 273 9.55 -15.99 -22.02
C THR A 273 8.26 -15.20 -22.27
N ASP A 274 8.37 -13.98 -22.80
CA ASP A 274 7.17 -13.16 -23.06
C ASP A 274 6.14 -13.85 -23.97
N ILE A 275 6.63 -14.64 -24.91
CA ILE A 275 5.74 -15.32 -25.84
C ILE A 275 4.95 -16.39 -25.11
N GLU A 276 5.65 -17.23 -24.35
CA GLU A 276 5.03 -18.26 -23.51
C GLU A 276 4.07 -17.65 -22.49
N ASP A 277 4.43 -16.49 -21.95
CA ASP A 277 3.67 -15.89 -20.86
C ASP A 277 2.48 -15.07 -21.32
N PHE A 278 2.22 -15.07 -22.63
CA PHE A 278 1.11 -14.30 -23.20
C PHE A 278 1.20 -12.82 -22.81
N LYS A 279 2.40 -12.25 -22.90
CA LYS A 279 2.56 -10.86 -22.52
C LYS A 279 2.10 -9.89 -23.61
N CYS A 280 1.47 -8.80 -23.18
CA CYS A 280 1.17 -7.70 -24.08
C CYS A 280 2.47 -6.99 -24.45
N SER A 281 3.28 -7.65 -25.26
CA SER A 281 4.54 -7.08 -25.71
C SER A 281 4.36 -6.21 -26.94
N TRP A 282 5.23 -5.22 -27.09
CA TRP A 282 5.23 -4.38 -28.27
C TRP A 282 5.36 -5.21 -29.56
N LEU A 283 6.09 -6.32 -29.47
CA LEU A 283 6.35 -7.17 -30.63
C LEU A 283 5.08 -7.82 -31.17
N VAL A 284 4.27 -8.38 -30.27
CA VAL A 284 3.03 -9.03 -30.71
C VAL A 284 2.02 -8.01 -31.23
N VAL A 285 1.93 -6.85 -30.55
CA VAL A 285 0.97 -5.85 -31.02
C VAL A 285 1.43 -5.23 -32.34
N LYS A 286 2.74 -5.13 -32.53
CA LYS A 286 3.27 -4.65 -33.81
C LYS A 286 3.02 -5.67 -34.91
N ALA A 287 3.32 -6.92 -34.62
CA ALA A 287 3.06 -8.01 -35.55
C ALA A 287 1.56 -8.10 -35.92
N LEU A 288 0.69 -7.97 -34.93
CA LEU A 288 -0.75 -7.99 -35.19
C LEU A 288 -1.14 -6.89 -36.17
N GLU A 289 -0.51 -5.73 -36.03
CA GLU A 289 -0.81 -4.58 -36.86
C GLU A 289 -0.28 -4.76 -38.29
N LEU A 290 0.74 -5.60 -38.44
CA LEU A 290 1.41 -5.76 -39.74
C LEU A 290 1.01 -7.05 -40.46
N ALA A 291 0.43 -7.99 -39.71
CA ALA A 291 0.19 -9.32 -40.24
C ALA A 291 -0.93 -9.34 -41.27
N ASN A 292 -0.90 -10.34 -42.14
CA ASN A 292 -2.09 -10.66 -42.92
C ASN A 292 -3.00 -11.53 -42.05
N GLU A 293 -3.78 -12.41 -42.68
CA GLU A 293 -4.78 -13.16 -41.94
C GLU A 293 -4.34 -14.59 -41.57
N GLU A 294 -3.37 -15.12 -42.31
CA GLU A 294 -2.78 -16.41 -41.96
C GLU A 294 -1.79 -16.22 -40.80
N GLN A 295 -1.05 -15.11 -40.85
CA GLN A 295 -0.11 -14.77 -39.78
C GLN A 295 -0.89 -14.44 -38.50
N LYS A 296 -1.96 -13.67 -38.64
CA LYS A 296 -2.80 -13.35 -37.49
C LYS A 296 -3.38 -14.62 -36.89
N LYS A 297 -3.69 -15.59 -37.74
CA LYS A 297 -4.23 -16.86 -37.28
C LYS A 297 -3.15 -17.68 -36.56
N THR A 298 -1.93 -17.65 -37.10
CA THR A 298 -0.79 -18.33 -36.49
C THR A 298 -0.50 -17.75 -35.11
N LEU A 299 -0.53 -16.43 -35.02
CA LEU A 299 -0.30 -15.72 -33.76
C LEU A 299 -1.33 -16.15 -32.72
N HIS A 300 -2.61 -16.03 -33.07
CA HIS A 300 -3.70 -16.38 -32.17
C HIS A 300 -3.60 -17.83 -31.68
N GLU A 301 -3.11 -18.72 -32.54
CA GLU A 301 -3.08 -20.14 -32.20
C GLU A 301 -1.83 -20.58 -31.44
N ASN A 302 -0.78 -19.76 -31.48
CA ASN A 302 0.50 -20.16 -30.89
C ASN A 302 0.97 -19.26 -29.75
N TYR A 303 0.48 -18.03 -29.71
CA TYR A 303 0.93 -17.09 -28.69
C TYR A 303 0.42 -17.51 -27.32
N GLY A 304 1.31 -17.55 -26.34
CA GLY A 304 0.92 -17.89 -24.98
C GLY A 304 0.93 -19.38 -24.69
N LYS A 305 1.55 -20.15 -25.58
CA LYS A 305 1.70 -21.59 -25.37
C LYS A 305 3.12 -21.92 -24.94
N LYS A 306 3.25 -22.66 -23.84
CA LYS A 306 4.55 -22.98 -23.27
C LYS A 306 5.38 -23.93 -24.15
N ASP A 307 4.87 -24.20 -25.34
CA ASP A 307 5.48 -25.16 -26.25
C ASP A 307 6.49 -24.51 -27.19
N PRO A 308 7.72 -25.07 -27.22
CA PRO A 308 8.84 -24.60 -28.06
C PRO A 308 8.52 -24.51 -29.54
N ALA A 309 7.62 -25.35 -30.03
CA ALA A 309 7.27 -25.35 -31.45
C ALA A 309 6.32 -24.21 -31.79
N SER A 310 5.40 -23.94 -30.86
CA SER A 310 4.47 -22.83 -31.02
C SER A 310 5.25 -21.53 -30.95
N VAL A 311 6.16 -21.45 -29.98
CA VAL A 311 7.03 -20.29 -29.82
C VAL A 311 7.80 -20.02 -31.11
N ALA A 312 8.30 -21.08 -31.73
CA ALA A 312 9.04 -20.95 -32.98
C ALA A 312 8.21 -20.37 -34.12
N LYS A 313 6.95 -20.81 -34.24
CA LYS A 313 6.05 -20.27 -35.25
C LYS A 313 5.75 -18.79 -35.03
N VAL A 314 5.67 -18.38 -33.75
CA VAL A 314 5.50 -16.96 -33.42
C VAL A 314 6.73 -16.19 -33.88
N LYS A 315 7.91 -16.62 -33.41
CA LYS A 315 9.17 -16.01 -33.81
C LYS A 315 9.36 -16.02 -35.32
N GLU A 316 8.85 -17.05 -35.98
CA GLU A 316 8.92 -17.11 -37.43
C GLU A 316 8.11 -15.98 -38.06
N VAL A 317 6.90 -15.75 -37.53
CA VAL A 317 6.05 -14.66 -38.01
C VAL A 317 6.74 -13.31 -37.80
N TYR A 318 7.39 -13.15 -36.65
CA TYR A 318 8.13 -11.94 -36.34
C TYR A 318 9.26 -11.70 -37.34
N HIS A 319 9.97 -12.77 -37.70
CA HIS A 319 11.03 -12.71 -38.71
C HIS A 319 10.47 -12.35 -40.08
N THR A 320 9.42 -13.05 -40.48
CA THR A 320 8.77 -12.82 -41.77
C THR A 320 8.32 -11.37 -41.88
N LEU A 321 7.76 -10.85 -40.78
CA LEU A 321 7.30 -9.47 -40.73
C LEU A 321 8.46 -8.48 -40.54
N ASN A 322 9.68 -9.00 -40.44
CA ASN A 322 10.87 -8.18 -40.26
C ASN A 322 10.79 -7.23 -39.06
N LEU A 323 10.32 -7.75 -37.92
CA LEU A 323 10.16 -6.91 -36.74
C LEU A 323 11.45 -6.27 -36.24
N GLN A 324 12.61 -6.88 -36.55
CA GLN A 324 13.88 -6.29 -36.16
C GLN A 324 14.07 -4.93 -36.83
N ALA A 325 13.82 -4.87 -38.14
CA ALA A 325 13.93 -3.62 -38.88
C ALA A 325 12.90 -2.61 -38.39
N VAL A 326 11.67 -3.07 -38.18
CA VAL A 326 10.62 -2.21 -37.63
C VAL A 326 11.09 -1.59 -36.31
N PHE A 327 11.69 -2.40 -35.45
CA PHE A 327 12.20 -1.88 -34.17
C PHE A 327 13.36 -0.91 -34.35
N GLU A 328 14.32 -1.26 -35.19
CA GLU A 328 15.45 -0.37 -35.49
C GLU A 328 14.93 0.96 -36.00
N ASP A 329 13.87 0.89 -36.82
CA ASP A 329 13.20 2.07 -37.31
C ASP A 329 12.61 2.88 -36.15
N TYR A 330 11.86 2.21 -35.29
CA TYR A 330 11.25 2.87 -34.13
C TYR A 330 12.33 3.54 -33.27
N GLU A 331 13.40 2.81 -32.99
CA GLU A 331 14.47 3.32 -32.14
C GLU A 331 15.14 4.55 -32.76
N ALA A 332 15.45 4.48 -34.05
CA ALA A 332 16.04 5.63 -34.74
C ALA A 332 15.11 6.83 -34.70
N THR A 333 13.84 6.61 -34.99
CA THR A 333 12.82 7.65 -34.98
C THR A 333 12.58 8.26 -33.60
N SER A 334 12.62 7.44 -32.56
CA SER A 334 12.33 7.90 -31.21
C SER A 334 13.49 8.74 -30.69
N TYR A 335 14.70 8.28 -30.98
CA TYR A 335 15.91 8.97 -30.55
C TYR A 335 15.96 10.41 -31.06
N LYS A 336 15.68 10.60 -32.35
CA LYS A 336 15.74 11.93 -32.95
C LYS A 336 14.73 12.90 -32.33
N LYS A 337 13.53 12.39 -32.06
CA LYS A 337 12.50 13.17 -31.40
C LYS A 337 12.96 13.62 -30.01
N LEU A 338 13.47 12.66 -29.25
CA LEU A 338 13.92 12.95 -27.88
C LEU A 338 15.04 13.99 -27.90
N ILE A 339 16.04 13.75 -28.75
CA ILE A 339 17.14 14.71 -28.94
C ILE A 339 16.62 16.09 -29.34
N THR A 340 15.66 16.11 -30.26
CA THR A 340 15.07 17.38 -30.70
C THR A 340 14.38 18.08 -29.54
N SER A 341 13.56 17.34 -28.80
CA SER A 341 12.85 17.92 -27.67
C SER A 341 13.81 18.42 -26.59
N ILE A 342 14.86 17.65 -26.33
CA ILE A 342 15.84 18.02 -25.31
C ILE A 342 16.57 19.32 -25.67
N GLU A 343 17.08 19.40 -26.89
CA GLU A 343 17.79 20.59 -27.36
C GLU A 343 16.94 21.85 -27.35
N ASN A 344 15.63 21.70 -27.52
CA ASN A 344 14.72 22.83 -27.51
C ASN A 344 14.40 23.38 -26.12
N HIS A 345 15.04 22.83 -25.08
CA HIS A 345 14.77 23.24 -23.71
C HIS A 345 15.67 24.39 -23.27
N PRO A 346 15.08 25.44 -22.69
CA PRO A 346 15.77 26.69 -22.34
C PRO A 346 16.89 26.49 -21.31
N SER A 347 16.76 25.48 -20.46
CA SER A 347 17.78 25.20 -19.46
C SER A 347 18.85 24.23 -19.97
N LYS A 348 20.11 24.65 -19.86
CA LYS A 348 21.24 23.79 -20.21
C LYS A 348 21.47 22.73 -19.14
N ALA A 349 21.14 23.08 -17.90
CA ALA A 349 21.25 22.15 -16.79
C ALA A 349 20.32 20.97 -17.04
N VAL A 350 19.07 21.28 -17.37
CA VAL A 350 18.07 20.26 -17.67
C VAL A 350 18.51 19.38 -18.84
N GLN A 351 19.04 20.00 -19.89
CA GLN A 351 19.50 19.25 -21.06
C GLN A 351 20.52 18.19 -20.65
N ALA A 352 21.43 18.58 -19.77
CA ALA A 352 22.47 17.66 -19.33
C ALA A 352 21.87 16.51 -18.51
N VAL A 353 20.85 16.80 -17.72
CA VAL A 353 20.13 15.76 -17.01
C VAL A 353 19.47 14.80 -18.00
N LEU A 354 18.71 15.36 -18.94
CA LEU A 354 17.95 14.55 -19.89
C LEU A 354 18.86 13.73 -20.80
N LYS A 355 19.88 14.38 -21.37
CA LYS A 355 20.83 13.70 -22.25
C LYS A 355 21.56 12.58 -21.54
N SER A 356 21.76 12.72 -20.22
CA SER A 356 22.37 11.67 -19.44
C SER A 356 21.45 10.45 -19.35
N PHE A 357 20.16 10.69 -19.14
CA PHE A 357 19.16 9.61 -19.16
C PHE A 357 19.10 8.93 -20.52
N LEU A 358 18.95 9.74 -21.57
CA LEU A 358 18.89 9.22 -22.94
C LEU A 358 20.15 8.42 -23.29
N GLY A 359 21.29 8.89 -22.79
CA GLY A 359 22.56 8.21 -23.04
C GLY A 359 22.70 6.87 -22.36
N LYS A 360 22.05 6.69 -21.21
CA LYS A 360 22.20 5.44 -20.47
C LYS A 360 21.31 4.31 -21.02
N ILE A 361 20.45 4.62 -21.97
CA ILE A 361 19.51 3.60 -22.48
C ILE A 361 19.56 3.41 -24.00
N TYR A 362 20.08 4.40 -24.72
CA TYR A 362 20.06 4.38 -26.18
C TYR A 362 20.89 3.21 -26.71
N LYS A 363 20.30 2.43 -27.61
CA LYS A 363 20.96 1.26 -28.21
C LYS A 363 21.58 0.29 -27.21
N ARG A 364 21.08 0.28 -25.98
CA ARG A 364 21.55 -0.67 -24.98
C ARG A 364 21.28 -2.10 -25.45
N GLN A 365 22.14 -3.03 -25.03
CA GLN A 365 21.93 -4.42 -25.42
C GLN A 365 21.38 -5.27 -24.28
N LYS A 366 21.06 -4.64 -23.16
CA LYS A 366 20.42 -5.33 -22.04
C LYS A 366 19.69 -4.35 -21.13
N LEU B 29 -28.07 12.95 9.04
CA LEU B 29 -26.93 13.21 8.16
C LEU B 29 -26.51 11.95 7.42
N ASN B 30 -27.12 10.83 7.79
CA ASN B 30 -26.85 9.55 7.18
C ASN B 30 -27.02 9.53 5.66
N SER B 31 -28.03 10.25 5.16
CA SER B 31 -28.32 10.25 3.74
C SER B 31 -27.31 11.13 3.00
N GLN B 32 -26.87 12.21 3.65
CA GLN B 32 -25.84 13.06 3.06
C GLN B 32 -24.52 12.31 3.01
N PHE B 33 -24.24 11.53 4.06
CA PHE B 33 -23.02 10.72 4.12
C PHE B 33 -22.91 9.81 2.90
N MET B 34 -23.99 9.14 2.53
CA MET B 34 -23.97 8.25 1.38
C MET B 34 -23.88 9.01 0.07
N GLN B 35 -24.45 10.21 0.03
CA GLN B 35 -24.33 11.03 -1.17
C GLN B 35 -22.87 11.41 -1.40
N VAL B 36 -22.16 11.70 -0.32
CA VAL B 36 -20.75 12.06 -0.43
C VAL B 36 -19.94 10.90 -1.05
N TYR B 37 -20.26 9.68 -0.66
CA TYR B 37 -19.63 8.50 -1.23
C TYR B 37 -19.80 8.48 -2.75
N GLU B 38 -21.00 8.77 -3.22
CA GLU B 38 -21.27 8.80 -4.66
C GLU B 38 -20.42 9.85 -5.37
N THR B 39 -20.35 11.04 -4.79
CA THR B 39 -19.54 12.12 -5.35
C THR B 39 -18.07 11.73 -5.41
N LEU B 40 -17.55 11.23 -4.29
CA LEU B 40 -16.14 10.87 -4.24
C LEU B 40 -15.81 9.76 -5.25
N LYS B 41 -16.64 8.71 -5.31
CA LYS B 41 -16.36 7.61 -6.23
C LYS B 41 -16.39 8.11 -7.69
N SER B 42 -17.33 9.00 -7.99
CA SER B 42 -17.40 9.59 -9.34
C SER B 42 -16.12 10.37 -9.70
N GLU B 43 -15.62 11.17 -8.76
CA GLU B 43 -14.38 11.91 -8.98
C GLU B 43 -13.21 10.97 -9.22
N LEU B 44 -13.16 9.89 -8.44
CA LEU B 44 -12.04 8.95 -8.53
C LEU B 44 -11.99 8.24 -9.88
N ILE B 45 -13.15 7.93 -10.45
CA ILE B 45 -13.14 7.24 -11.75
C ILE B 45 -13.10 8.21 -12.94
N HIS B 46 -12.96 9.51 -12.66
CA HIS B 46 -12.69 10.47 -13.72
C HIS B 46 -11.43 11.27 -13.42
N ASP B 47 -10.54 10.66 -12.64
CA ASP B 47 -9.31 11.29 -12.19
C ASP B 47 -8.41 11.65 -13.38
N PRO B 48 -8.07 12.94 -13.55
CA PRO B 48 -7.22 13.33 -14.69
C PRO B 48 -5.79 12.82 -14.57
N LEU B 49 -5.40 12.31 -13.39
CA LEU B 49 -4.08 11.72 -13.23
C LEU B 49 -3.93 10.36 -13.93
N PHE B 50 -5.04 9.71 -14.28
CA PHE B 50 -4.96 8.43 -14.98
C PHE B 50 -5.81 8.44 -16.24
N GLU B 51 -5.36 7.71 -17.27
CA GLU B 51 -6.06 7.67 -18.54
C GLU B 51 -7.03 6.50 -18.55
N PHE B 52 -8.21 6.73 -17.99
CA PHE B 52 -9.24 5.71 -17.88
C PHE B 52 -9.80 5.44 -19.28
N ASP B 53 -10.26 4.21 -19.51
CA ASP B 53 -11.14 3.94 -20.65
C ASP B 53 -12.36 3.23 -20.06
N ASP B 54 -13.29 2.76 -20.91
CA ASP B 54 -14.52 2.12 -20.41
C ASP B 54 -14.23 0.89 -19.53
N ASP B 55 -13.25 0.08 -19.92
CA ASP B 55 -12.97 -1.15 -19.21
C ASP B 55 -12.39 -0.90 -17.82
N SER B 56 -11.42 0.00 -17.74
CA SER B 56 -10.75 0.27 -16.47
C SER B 56 -11.63 1.10 -15.55
N ARG B 57 -12.49 1.93 -16.12
CA ARG B 57 -13.43 2.69 -15.33
C ARG B 57 -14.47 1.73 -14.72
N GLN B 58 -14.98 0.82 -15.53
CA GLN B 58 -15.89 -0.19 -14.97
C GLN B 58 -15.20 -1.08 -13.93
N TRP B 59 -13.94 -1.44 -14.15
CA TRP B 59 -13.25 -2.28 -13.18
C TRP B 59 -13.17 -1.57 -11.83
N VAL B 60 -12.74 -0.32 -11.85
CA VAL B 60 -12.48 0.39 -10.61
C VAL B 60 -13.80 0.74 -9.89
N GLU B 61 -14.79 1.18 -10.64
CA GLU B 61 -16.09 1.49 -10.07
C GLU B 61 -16.69 0.28 -9.38
N ARG B 62 -16.72 -0.85 -10.05
CA ARG B 62 -17.25 -2.08 -9.44
C ARG B 62 -16.43 -2.50 -8.23
N MET B 63 -15.12 -2.32 -8.32
CA MET B 63 -14.25 -2.74 -7.23
C MET B 63 -14.50 -1.88 -5.99
N ILE B 64 -14.64 -0.57 -6.19
CA ILE B 64 -14.99 0.35 -5.10
C ILE B 64 -16.33 -0.02 -4.44
N ASP B 65 -17.39 -0.13 -5.23
CA ASP B 65 -18.70 -0.51 -4.70
C ASP B 65 -18.68 -1.83 -3.93
N TYR B 66 -17.80 -2.74 -4.33
CA TYR B 66 -17.79 -4.05 -3.68
C TYR B 66 -17.08 -3.99 -2.36
N THR B 67 -16.01 -3.19 -2.28
CA THR B 67 -15.07 -3.30 -1.18
C THR B 67 -15.22 -2.21 -0.11
N VAL B 68 -15.78 -1.06 -0.49
CA VAL B 68 -15.76 0.10 0.41
C VAL B 68 -17.05 0.33 1.24
N PRO B 69 -18.24 0.44 0.60
CA PRO B 69 -19.43 0.89 1.35
C PRO B 69 -20.29 -0.21 2.00
N GLY B 70 -19.88 -1.46 2.01
CA GLY B 70 -20.78 -2.50 2.48
C GLY B 70 -20.97 -2.67 3.99
N GLY B 71 -20.21 -1.90 4.78
CA GLY B 71 -20.16 -2.11 6.22
C GLY B 71 -21.08 -1.23 7.04
N LYS B 72 -20.81 -1.12 8.35
CA LYS B 72 -21.63 -0.27 9.21
C LYS B 72 -21.17 1.20 9.18
N MET B 73 -19.97 1.45 8.68
CA MET B 73 -19.48 2.83 8.52
C MET B 73 -19.36 3.62 9.84
N VAL B 74 -19.25 2.92 10.96
CA VAL B 74 -19.19 3.58 12.27
C VAL B 74 -18.02 4.57 12.35
N ARG B 75 -16.85 4.14 11.89
CA ARG B 75 -15.66 4.98 11.96
C ARG B 75 -15.81 6.24 11.10
N GLY B 76 -16.23 6.04 9.84
CA GLY B 76 -16.46 7.14 8.93
C GLY B 76 -17.47 8.14 9.48
N TYR B 77 -18.63 7.64 9.89
CA TYR B 77 -19.65 8.54 10.42
C TYR B 77 -19.20 9.27 11.70
N SER B 78 -18.33 8.64 12.49
CA SER B 78 -17.91 9.24 13.75
C SER B 78 -17.12 10.53 13.52
N VAL B 79 -16.55 10.73 12.32
CA VAL B 79 -15.92 12.01 12.01
C VAL B 79 -16.96 13.14 11.95
N VAL B 80 -18.12 12.84 11.36
CA VAL B 80 -19.19 13.83 11.25
C VAL B 80 -19.77 14.15 12.62
N ASP B 81 -20.02 13.10 13.39
CA ASP B 81 -20.51 13.28 14.76
C ASP B 81 -19.53 14.07 15.59
N SER B 82 -18.24 13.70 15.53
CA SER B 82 -17.23 14.37 16.33
C SER B 82 -17.15 15.85 15.95
N TYR B 83 -17.12 16.14 14.66
CA TYR B 83 -17.03 17.53 14.25
C TYR B 83 -18.23 18.33 14.75
N GLN B 84 -19.42 17.74 14.61
CA GLN B 84 -20.65 18.33 15.11
C GLN B 84 -20.55 18.66 16.60
N LEU B 85 -20.04 17.71 17.37
CA LEU B 85 -19.93 17.89 18.81
C LEU B 85 -18.87 18.95 19.13
N LEU B 86 -17.84 19.07 18.31
CA LEU B 86 -16.87 20.14 18.56
C LEU B 86 -17.55 21.49 18.33
N LYS B 87 -18.30 21.59 17.23
CA LYS B 87 -18.94 22.85 16.88
C LYS B 87 -20.02 23.27 17.87
N GLY B 88 -20.79 22.31 18.35
CA GLY B 88 -21.88 22.64 19.26
C GLY B 88 -23.06 23.29 18.56
N GLU B 89 -23.07 23.22 17.23
CA GLU B 89 -24.16 23.79 16.43
C GLU B 89 -24.40 22.94 15.19
N GLU B 90 -25.50 23.24 14.50
CA GLU B 90 -25.78 22.61 13.21
C GLU B 90 -24.63 22.83 12.23
N LEU B 91 -24.40 21.86 11.35
CA LEU B 91 -23.33 21.97 10.35
C LEU B 91 -23.80 22.65 9.06
N THR B 92 -22.91 23.40 8.42
CA THR B 92 -23.18 23.90 7.07
C THR B 92 -23.01 22.74 6.08
N ASP B 93 -23.50 22.92 4.87
CA ASP B 93 -23.40 21.87 3.85
C ASP B 93 -21.94 21.54 3.59
N ASP B 94 -21.09 22.55 3.65
CA ASP B 94 -19.67 22.34 3.41
C ASP B 94 -19.03 21.52 4.51
N GLU B 95 -19.35 21.82 5.77
CA GLU B 95 -18.84 21.05 6.88
C GLU B 95 -19.33 19.60 6.79
N ILE B 96 -20.60 19.44 6.38
CA ILE B 96 -21.15 18.10 6.20
C ILE B 96 -20.37 17.37 5.12
N PHE B 97 -20.10 18.04 4.01
CA PHE B 97 -19.30 17.40 2.96
C PHE B 97 -17.86 17.06 3.40
N LEU B 98 -17.18 18.01 4.01
CA LEU B 98 -15.77 17.81 4.35
C LEU B 98 -15.58 16.75 5.41
N SER B 99 -16.39 16.79 6.46
CA SER B 99 -16.26 15.79 7.51
C SER B 99 -16.68 14.41 6.99
N SER B 100 -17.67 14.34 6.11
CA SER B 100 -18.01 13.05 5.51
C SER B 100 -16.86 12.54 4.64
N ALA B 101 -16.24 13.43 3.88
CA ALA B 101 -15.14 13.03 3.00
C ALA B 101 -14.00 12.44 3.82
N LEU B 102 -13.66 13.08 4.93
CA LEU B 102 -12.64 12.53 5.81
C LEU B 102 -13.08 11.19 6.39
N GLY B 103 -14.35 11.10 6.78
CA GLY B 103 -14.92 9.84 7.24
C GLY B 103 -14.75 8.78 6.16
N TRP B 104 -15.08 9.12 4.92
CA TRP B 104 -14.89 8.15 3.85
C TRP B 104 -13.42 7.78 3.62
N CYS B 105 -12.48 8.72 3.85
CA CYS B 105 -11.06 8.36 3.77
C CYS B 105 -10.73 7.22 4.75
N ILE B 106 -11.31 7.31 5.94
CA ILE B 106 -11.04 6.27 6.94
C ILE B 106 -11.64 4.94 6.48
N GLU B 107 -12.85 4.98 5.91
CA GLU B 107 -13.48 3.75 5.43
C GLU B 107 -12.72 3.19 4.23
N TRP B 108 -12.20 4.07 3.36
CA TRP B 108 -11.37 3.62 2.25
C TRP B 108 -10.09 2.95 2.79
N LEU B 109 -9.47 3.55 3.80
CA LEU B 109 -8.23 3.02 4.37
C LEU B 109 -8.49 1.65 5.00
N GLN B 110 -9.55 1.55 5.78
CA GLN B 110 -9.92 0.26 6.39
C GLN B 110 -10.22 -0.78 5.31
N ALA B 111 -10.94 -0.38 4.26
CA ALA B 111 -11.31 -1.30 3.18
C ALA B 111 -10.08 -1.93 2.51
N TYR B 112 -9.05 -1.11 2.31
CA TYR B 112 -7.78 -1.59 1.79
C TYR B 112 -7.09 -2.61 2.70
N PHE B 113 -7.03 -2.33 4.01
CA PHE B 113 -6.49 -3.32 4.95
C PHE B 113 -7.28 -4.64 4.99
N LEU B 114 -8.61 -4.55 4.90
CA LEU B 114 -9.45 -5.73 4.99
C LEU B 114 -9.34 -6.59 3.74
N VAL B 115 -9.21 -5.95 2.57
CA VAL B 115 -9.03 -6.69 1.32
C VAL B 115 -7.76 -7.52 1.41
N LEU B 116 -6.68 -6.91 1.91
CA LEU B 116 -5.43 -7.62 2.09
C LEU B 116 -5.49 -8.65 3.22
N ASP B 117 -6.20 -8.32 4.31
CA ASP B 117 -6.31 -9.26 5.42
C ASP B 117 -7.03 -10.52 4.96
N ASP B 118 -8.08 -10.37 4.16
CA ASP B 118 -8.82 -11.52 3.64
C ASP B 118 -7.91 -12.45 2.85
N ILE B 119 -7.07 -11.87 2.00
CA ILE B 119 -6.11 -12.64 1.19
C ILE B 119 -5.16 -13.41 2.10
N MET B 120 -4.57 -12.72 3.06
CA MET B 120 -3.53 -13.33 3.89
C MET B 120 -4.09 -14.44 4.77
N ASP B 121 -5.31 -14.26 5.24
CA ASP B 121 -5.94 -15.21 6.16
C ASP B 121 -6.72 -16.26 5.39
N GLU B 122 -6.77 -16.11 4.06
CA GLU B 122 -7.50 -17.03 3.19
C GLU B 122 -8.98 -17.11 3.54
N SER B 123 -9.59 -15.97 3.80
CA SER B 123 -10.99 -15.97 4.21
C SER B 123 -11.89 -16.24 3.01
N HIS B 124 -13.15 -16.55 3.29
CA HIS B 124 -14.08 -16.90 2.25
C HIS B 124 -15.10 -15.81 2.01
N THR B 125 -15.72 -15.31 3.08
CA THR B 125 -16.70 -14.25 2.98
C THR B 125 -16.40 -13.06 3.88
N ARG B 126 -17.05 -11.94 3.58
CA ARG B 126 -16.97 -10.72 4.39
C ARG B 126 -18.18 -9.86 4.06
N ARG B 127 -18.79 -9.25 5.07
CA ARG B 127 -19.96 -8.36 4.89
C ARG B 127 -21.08 -9.06 4.10
N GLY B 128 -21.17 -10.38 4.23
CA GLY B 128 -22.25 -11.16 3.64
C GLY B 128 -22.03 -11.62 2.20
N GLN B 129 -20.81 -11.48 1.71
CA GLN B 129 -20.50 -11.76 0.30
C GLN B 129 -19.12 -12.39 0.23
N PRO B 130 -18.79 -13.06 -0.91
CA PRO B 130 -17.43 -13.60 -1.01
C PRO B 130 -16.41 -12.48 -0.91
N CYS B 131 -15.26 -12.75 -0.31
CA CYS B 131 -14.18 -11.77 -0.30
C CYS B 131 -13.86 -11.42 -1.73
N TRP B 132 -13.39 -10.19 -1.94
CA TRP B 132 -13.10 -9.71 -3.27
C TRP B 132 -12.17 -10.68 -4.02
N PHE B 133 -11.10 -11.14 -3.36
CA PHE B 133 -10.16 -12.03 -4.04
C PHE B 133 -10.74 -13.41 -4.39
N ARG B 134 -11.90 -13.76 -3.82
CA ARG B 134 -12.50 -15.08 -4.09
C ARG B 134 -13.27 -15.13 -5.41
N LEU B 135 -13.62 -13.98 -5.98
CA LEU B 135 -14.37 -13.97 -7.23
C LEU B 135 -13.48 -14.49 -8.35
N PRO B 136 -14.04 -15.35 -9.23
CA PRO B 136 -13.26 -16.01 -10.28
C PRO B 136 -12.57 -15.02 -11.22
N LYS B 137 -13.19 -13.88 -11.50
CA LYS B 137 -12.56 -12.92 -12.40
C LYS B 137 -11.58 -11.99 -11.68
N VAL B 138 -11.53 -12.06 -10.35
CA VAL B 138 -10.62 -11.20 -9.57
C VAL B 138 -9.34 -11.92 -9.13
N GLY B 139 -9.47 -12.90 -8.23
CA GLY B 139 -8.31 -13.57 -7.68
C GLY B 139 -7.29 -12.61 -7.09
N MET B 140 -6.01 -12.90 -7.30
CA MET B 140 -4.92 -12.13 -6.71
C MET B 140 -4.81 -10.70 -7.24
N ILE B 141 -5.59 -10.37 -8.26
CA ILE B 141 -5.67 -8.98 -8.71
C ILE B 141 -6.16 -8.13 -7.54
N ALA B 142 -6.92 -8.76 -6.63
CA ALA B 142 -7.40 -8.08 -5.43
C ALA B 142 -6.28 -7.39 -4.67
N ALA B 143 -5.06 -7.92 -4.77
CA ALA B 143 -3.95 -7.32 -4.02
C ALA B 143 -3.68 -5.91 -4.56
N ASN B 144 -3.59 -5.78 -5.89
CA ASN B 144 -3.36 -4.45 -6.44
C ASN B 144 -4.58 -3.54 -6.32
N ASP B 145 -5.79 -4.12 -6.32
CA ASP B 145 -6.99 -3.32 -6.07
C ASP B 145 -6.93 -2.71 -4.66
N GLY B 146 -6.46 -3.49 -3.70
CA GLY B 146 -6.32 -2.98 -2.33
C GLY B 146 -5.39 -1.77 -2.32
N ILE B 147 -4.29 -1.89 -3.06
CA ILE B 147 -3.31 -0.81 -3.22
C ILE B 147 -3.96 0.42 -3.85
N LEU B 148 -4.81 0.20 -4.85
CA LEU B 148 -5.53 1.28 -5.50
C LEU B 148 -6.41 2.00 -4.48
N LEU B 149 -7.12 1.21 -3.66
CA LEU B 149 -7.96 1.81 -2.62
C LEU B 149 -7.12 2.68 -1.70
N ARG B 150 -5.96 2.19 -1.30
CA ARG B 150 -5.11 2.99 -0.42
C ARG B 150 -4.76 4.31 -1.12
N ASN B 151 -4.44 4.25 -2.41
CA ASN B 151 -4.05 5.48 -3.12
C ASN B 151 -5.19 6.44 -3.37
N HIS B 152 -6.43 5.97 -3.22
CA HIS B 152 -7.60 6.82 -3.33
C HIS B 152 -7.66 7.81 -2.16
N VAL B 153 -7.10 7.44 -1.02
CA VAL B 153 -7.13 8.34 0.13
C VAL B 153 -6.42 9.68 -0.17
N PRO B 154 -5.14 9.66 -0.62
CA PRO B 154 -4.56 10.96 -0.96
C PRO B 154 -5.27 11.68 -2.12
N ARG B 155 -5.92 10.95 -3.01
CA ARG B 155 -6.67 11.57 -4.11
C ARG B 155 -7.83 12.37 -3.52
N ILE B 156 -8.52 11.78 -2.55
CA ILE B 156 -9.65 12.45 -1.92
C ILE B 156 -9.16 13.66 -1.11
N LEU B 157 -8.06 13.47 -0.39
CA LEU B 157 -7.55 14.53 0.47
C LEU B 157 -7.15 15.72 -0.39
N LYS B 158 -6.46 15.43 -1.49
CA LYS B 158 -5.95 16.51 -2.33
C LYS B 158 -7.07 17.26 -3.05
N LYS B 159 -8.06 16.51 -3.56
CA LYS B 159 -9.19 17.11 -4.26
C LYS B 159 -9.93 18.12 -3.37
N HIS B 160 -10.13 17.77 -2.10
CA HIS B 160 -11.01 18.57 -1.26
C HIS B 160 -10.34 19.36 -0.15
N PHE B 161 -9.05 19.10 0.11
CA PHE B 161 -8.39 19.80 1.22
C PHE B 161 -7.08 20.50 0.84
N ARG B 162 -6.69 20.44 -0.43
CA ARG B 162 -5.39 20.97 -0.84
C ARG B 162 -5.18 22.41 -0.37
N GLY B 163 -6.22 23.23 -0.42
CA GLY B 163 -6.09 24.63 -0.08
C GLY B 163 -6.28 24.95 1.40
N LYS B 164 -6.58 23.95 2.21
CA LYS B 164 -6.73 24.17 3.66
C LYS B 164 -5.37 24.31 4.33
N PRO B 165 -5.30 25.17 5.36
CA PRO B 165 -3.99 25.35 6.02
C PRO B 165 -3.55 24.09 6.77
N TYR B 166 -4.47 23.19 7.08
CA TYR B 166 -4.13 21.93 7.73
C TYR B 166 -3.93 20.75 6.74
N TYR B 167 -3.74 21.05 5.45
CA TYR B 167 -3.55 19.99 4.44
C TYR B 167 -2.38 19.05 4.76
N VAL B 168 -1.19 19.62 4.95
CA VAL B 168 -0.02 18.79 5.24
C VAL B 168 -0.22 17.94 6.51
N ASP B 169 -0.97 18.45 7.48
CA ASP B 169 -1.23 17.69 8.70
C ASP B 169 -2.12 16.48 8.43
N LEU B 170 -3.10 16.66 7.54
CA LEU B 170 -3.98 15.56 7.15
C LEU B 170 -3.19 14.45 6.46
N VAL B 171 -2.38 14.85 5.49
CA VAL B 171 -1.61 13.89 4.73
C VAL B 171 -0.66 13.13 5.64
N ASP B 172 0.02 13.86 6.52
CA ASP B 172 0.92 13.25 7.50
C ASP B 172 0.14 12.34 8.45
N LEU B 173 -1.02 12.80 8.92
CA LEU B 173 -1.87 12.03 9.82
C LEU B 173 -2.24 10.67 9.21
N PHE B 174 -2.72 10.71 7.98
CA PHE B 174 -3.14 9.47 7.34
C PHE B 174 -1.95 8.54 7.06
N ASN B 175 -0.81 9.11 6.66
CA ASN B 175 0.41 8.31 6.46
C ASN B 175 0.87 7.65 7.76
N GLU B 176 0.87 8.43 8.83
CA GLU B 176 1.29 7.92 10.14
C GLU B 176 0.41 6.78 10.64
N VAL B 177 -0.92 6.99 10.61
CA VAL B 177 -1.82 5.96 11.11
C VAL B 177 -1.79 4.71 10.22
N GLU B 178 -1.62 4.91 8.91
CA GLU B 178 -1.46 3.76 8.00
C GLU B 178 -0.21 2.97 8.42
N PHE B 179 0.87 3.69 8.71
CA PHE B 179 2.11 3.07 9.16
C PHE B 179 1.91 2.26 10.45
N GLN B 180 1.28 2.88 11.43
CA GLN B 180 0.99 2.21 12.70
C GLN B 180 0.13 0.97 12.51
N THR B 181 -0.89 1.08 11.67
CA THR B 181 -1.84 0.00 11.44
C THR B 181 -1.14 -1.19 10.78
N ALA B 182 -0.34 -0.90 9.76
CA ALA B 182 0.42 -1.95 9.07
C ALA B 182 1.45 -2.60 9.97
N SER B 183 2.03 -1.81 10.89
CA SER B 183 2.99 -2.36 11.85
C SER B 183 2.26 -3.24 12.88
N GLY B 184 1.08 -2.81 13.30
CA GLY B 184 0.27 -3.63 14.21
C GLY B 184 -0.10 -4.96 13.56
N GLN B 185 -0.48 -4.92 12.30
CA GLN B 185 -0.83 -6.13 11.58
C GLN B 185 0.42 -7.01 11.45
N MET B 186 1.57 -6.37 11.26
CA MET B 186 2.84 -7.09 11.16
C MET B 186 3.09 -7.92 12.41
N ILE B 187 2.99 -7.31 13.60
CA ILE B 187 3.25 -8.08 14.82
C ILE B 187 2.14 -9.09 15.08
N ASP B 188 0.92 -8.80 14.65
CA ASP B 188 -0.16 -9.77 14.76
C ASP B 188 0.20 -11.01 13.93
N LEU B 189 0.63 -10.79 12.70
CA LEU B 189 0.99 -11.89 11.81
C LEU B 189 2.18 -12.71 12.31
N ILE B 190 3.24 -12.05 12.74
CA ILE B 190 4.43 -12.80 13.13
C ILE B 190 4.27 -13.42 14.51
N THR B 191 3.45 -12.82 15.36
CA THR B 191 3.23 -13.41 16.68
C THR B 191 2.48 -14.74 16.54
N THR B 192 1.43 -14.74 15.72
CA THR B 192 0.57 -15.91 15.60
C THR B 192 1.09 -16.97 14.63
N LEU B 193 1.73 -16.52 13.56
CA LEU B 193 2.08 -17.42 12.43
C LEU B 193 3.51 -17.94 12.42
N VAL B 194 4.45 -17.22 13.03
CA VAL B 194 5.84 -17.68 13.06
C VAL B 194 6.37 -17.90 14.48
N LYS B 197 5.83 -21.92 17.68
CA LYS B 197 4.37 -22.04 17.74
C LYS B 197 3.87 -22.04 19.18
N ASP B 198 4.76 -22.34 20.12
CA ASP B 198 4.36 -22.44 21.53
C ASP B 198 3.69 -21.19 22.10
N LEU B 199 2.77 -21.41 23.03
CA LEU B 199 1.97 -20.37 23.67
C LEU B 199 2.80 -19.45 24.56
N SER B 200 4.02 -19.86 24.90
CA SER B 200 4.83 -19.10 25.84
C SER B 200 5.23 -17.73 25.30
N LYS B 201 5.32 -17.60 23.99
CA LYS B 201 5.65 -16.31 23.39
C LYS B 201 4.54 -15.28 23.57
N TYR B 202 3.30 -15.75 23.77
CA TYR B 202 2.18 -14.83 24.00
C TYR B 202 2.34 -14.15 25.35
N SER B 203 1.97 -12.87 25.42
CA SER B 203 2.11 -12.13 26.68
C SER B 203 1.20 -10.92 26.64
N LEU B 204 0.98 -10.32 27.80
CA LEU B 204 0.10 -9.17 27.95
C LEU B 204 0.58 -7.96 27.15
N SER B 205 1.89 -7.71 27.15
CA SER B 205 2.42 -6.55 26.44
C SER B 205 2.36 -6.72 24.92
N ILE B 206 2.58 -7.94 24.45
CA ILE B 206 2.43 -8.22 23.03
C ILE B 206 0.98 -8.00 22.61
N HIS B 207 0.03 -8.51 23.39
CA HIS B 207 -1.39 -8.28 23.10
C HIS B 207 -1.70 -6.80 23.05
N ARG B 208 -1.25 -6.05 24.06
CA ARG B 208 -1.44 -4.61 24.06
C ARG B 208 -0.90 -3.96 22.78
N ARG B 209 0.33 -4.30 22.40
N ARG B 209 0.33 -4.31 22.41
CA ARG B 209 0.94 -3.69 21.23
CA ARG B 209 0.96 -3.71 21.22
C ARG B 209 0.16 -4.01 19.96
C ARG B 209 0.16 -4.01 19.97
N ILE B 210 -0.28 -5.26 19.83
CA ILE B 210 -1.07 -5.65 18.66
C ILE B 210 -2.35 -4.81 18.56
N VAL B 211 -3.15 -4.80 19.62
CA VAL B 211 -4.44 -4.11 19.54
C VAL B 211 -4.29 -2.59 19.42
N GLN B 212 -3.30 -2.03 20.12
CA GLN B 212 -3.03 -0.61 20.03
C GLN B 212 -2.70 -0.19 18.61
N TYR B 213 -1.66 -0.79 18.05
CA TYR B 213 -1.19 -0.35 16.74
C TYR B 213 -2.08 -0.81 15.60
N LYS B 214 -2.57 -2.03 15.66
CA LYS B 214 -3.34 -2.57 14.54
C LYS B 214 -4.73 -1.97 14.47
N THR B 215 -5.29 -1.59 15.61
CA THR B 215 -6.68 -1.13 15.59
C THR B 215 -6.96 0.23 16.21
N ALA B 216 -6.32 0.55 17.34
CA ALA B 216 -6.77 1.71 18.13
C ALA B 216 -6.53 3.04 17.42
N TYR B 217 -5.41 3.17 16.72
CA TYR B 217 -5.09 4.46 16.08
C TYR B 217 -6.04 4.79 14.95
N TYR B 218 -6.35 3.80 14.10
CA TYR B 218 -7.22 4.09 12.95
C TYR B 218 -8.69 4.09 13.30
N SER B 219 -9.04 3.33 14.34
CA SER B 219 -10.45 3.19 14.74
C SER B 219 -10.96 4.28 15.69
N PHE B 220 -10.08 4.74 16.57
CA PHE B 220 -10.51 5.71 17.59
C PHE B 220 -9.84 7.08 17.49
N TYR B 221 -8.52 7.10 17.35
CA TYR B 221 -7.80 8.37 17.26
C TYR B 221 -8.07 9.08 15.93
N LEU B 222 -7.82 8.37 14.83
CA LEU B 222 -7.91 8.95 13.49
C LEU B 222 -9.19 9.77 13.24
N PRO B 223 -10.39 9.21 13.55
CA PRO B 223 -11.60 9.99 13.29
C PRO B 223 -11.67 11.29 14.09
N VAL B 224 -11.21 11.26 15.34
CA VAL B 224 -11.25 12.49 16.14
C VAL B 224 -10.17 13.45 15.65
N ALA B 225 -9.01 12.90 15.30
CA ALA B 225 -7.92 13.75 14.79
C ALA B 225 -8.38 14.49 13.54
N CYS B 226 -9.14 13.80 12.68
CA CYS B 226 -9.68 14.43 11.48
C CYS B 226 -10.59 15.60 11.85
N ALA B 227 -11.47 15.37 12.83
CA ALA B 227 -12.45 16.38 13.20
C ALA B 227 -11.71 17.58 13.80
N LEU B 228 -10.70 17.29 14.62
CA LEU B 228 -9.91 18.32 15.28
C LEU B 228 -9.19 19.22 14.27
N LEU B 229 -8.54 18.60 13.28
CA LEU B 229 -7.85 19.35 12.23
C LEU B 229 -8.82 20.27 11.48
N MET B 230 -9.97 19.72 11.09
CA MET B 230 -10.99 20.49 10.38
C MET B 230 -11.42 21.69 11.21
N PHE B 231 -11.44 21.50 12.53
CA PHE B 231 -11.88 22.53 13.46
C PHE B 231 -10.81 23.60 13.71
N GLY B 232 -9.66 23.47 13.07
CA GLY B 232 -8.59 24.45 13.24
C GLY B 232 -7.59 24.13 14.35
N GLU B 233 -7.71 22.98 15.00
CA GLU B 233 -6.82 22.62 16.12
C GLU B 233 -5.46 22.09 15.65
N ASP B 234 -4.47 22.23 16.50
CA ASP B 234 -3.11 21.75 16.26
C ASP B 234 -2.97 20.42 17.01
N LEU B 235 -2.75 19.31 16.30
CA LEU B 235 -2.68 17.98 16.94
C LEU B 235 -1.52 17.83 17.94
N ASP B 236 -0.47 18.65 17.80
CA ASP B 236 0.61 18.63 18.79
C ASP B 236 0.10 19.02 20.18
N LYS B 237 -1.04 19.72 20.22
CA LYS B 237 -1.59 20.20 21.48
C LYS B 237 -2.60 19.22 22.05
N HIS B 238 -2.73 18.05 21.41
CA HIS B 238 -3.79 17.10 21.77
C HIS B 238 -3.29 15.70 22.03
N VAL B 239 -2.08 15.60 22.56
CA VAL B 239 -1.54 14.31 22.97
C VAL B 239 -2.50 13.65 23.98
N GLU B 240 -3.04 14.45 24.90
CA GLU B 240 -4.02 13.92 25.86
C GLU B 240 -5.23 13.25 25.18
N VAL B 241 -5.81 13.90 24.17
CA VAL B 241 -6.89 13.29 23.41
C VAL B 241 -6.43 11.97 22.79
N LYS B 242 -5.25 11.97 22.18
CA LYS B 242 -4.69 10.75 21.59
C LYS B 242 -4.56 9.61 22.60
N ASN B 243 -3.93 9.87 23.76
CA ASN B 243 -3.77 8.84 24.80
C ASN B 243 -5.10 8.24 25.25
N VAL B 244 -6.11 9.09 25.46
CA VAL B 244 -7.40 8.59 25.90
C VAL B 244 -8.02 7.66 24.83
N LEU B 245 -7.97 8.07 23.57
CA LEU B 245 -8.58 7.32 22.50
C LEU B 245 -7.86 6.00 22.25
N VAL B 246 -6.53 6.03 22.32
CA VAL B 246 -5.75 4.81 22.25
C VAL B 246 -6.10 3.87 23.40
N GLU B 247 -6.25 4.41 24.61
CA GLU B 247 -6.68 3.58 25.75
C GLU B 247 -8.09 3.04 25.51
N MET B 248 -8.96 3.89 25.00
CA MET B 248 -10.34 3.47 24.75
C MET B 248 -10.37 2.36 23.71
N GLY B 249 -9.48 2.46 22.72
CA GLY B 249 -9.41 1.45 21.66
C GLY B 249 -8.90 0.10 22.17
N THR B 250 -8.05 0.13 23.18
CA THR B 250 -7.45 -1.06 23.74
C THR B 250 -8.53 -1.83 24.49
N TYR B 251 -9.22 -1.10 25.36
CA TYR B 251 -10.42 -1.56 26.04
C TYR B 251 -11.43 -2.16 25.06
N PHE B 252 -11.67 -1.49 23.93
CA PHE B 252 -12.61 -1.99 22.91
C PHE B 252 -12.21 -3.37 22.39
N GLN B 253 -10.92 -3.56 22.17
CA GLN B 253 -10.43 -4.84 21.66
C GLN B 253 -10.46 -5.95 22.72
N VAL B 254 -10.21 -5.59 23.99
CA VAL B 254 -10.30 -6.57 25.06
C VAL B 254 -11.73 -7.07 25.14
N GLN B 255 -12.68 -6.14 25.12
CA GLN B 255 -14.11 -6.47 25.09
C GLN B 255 -14.39 -7.42 23.95
N ASP B 256 -13.76 -7.12 22.81
CA ASP B 256 -13.96 -7.92 21.63
C ASP B 256 -13.42 -9.33 21.84
N ASP B 257 -12.25 -9.43 22.48
CA ASP B 257 -11.66 -10.74 22.74
C ASP B 257 -12.53 -11.54 23.70
N TYR B 258 -13.05 -10.87 24.72
CA TYR B 258 -13.92 -11.50 25.70
C TYR B 258 -15.17 -12.05 25.04
N LEU B 259 -15.82 -11.21 24.24
CA LEU B 259 -17.07 -11.60 23.57
C LEU B 259 -16.89 -12.77 22.61
N ASP B 260 -15.70 -12.91 22.03
CA ASP B 260 -15.47 -13.98 21.06
C ASP B 260 -15.71 -15.34 21.69
N CYS B 261 -15.43 -15.46 22.97
CA CYS B 261 -15.60 -16.71 23.70
C CYS B 261 -16.85 -16.72 24.59
N PHE B 262 -17.14 -15.61 25.24
CA PHE B 262 -18.23 -15.58 26.22
C PHE B 262 -19.47 -14.83 25.77
N GLY B 263 -19.42 -14.24 24.58
CA GLY B 263 -20.55 -13.49 24.11
C GLY B 263 -21.57 -14.40 23.48
N ALA B 264 -22.82 -13.97 23.46
CA ALA B 264 -23.89 -14.76 22.89
C ALA B 264 -23.89 -14.65 21.37
N PRO B 265 -23.73 -15.79 20.68
CA PRO B 265 -23.85 -15.78 19.22
C PRO B 265 -25.17 -15.15 18.77
N GLU B 266 -26.24 -15.37 19.53
CA GLU B 266 -27.54 -14.79 19.21
C GLU B 266 -27.50 -13.25 19.19
N VAL B 267 -26.48 -12.69 19.85
CA VAL B 267 -26.29 -11.24 19.90
C VAL B 267 -25.15 -10.78 18.97
N ILE B 268 -24.01 -11.46 19.06
CA ILE B 268 -22.82 -11.10 18.27
C ILE B 268 -23.03 -11.34 16.77
N GLY B 269 -23.73 -12.41 16.43
CA GLY B 269 -24.00 -12.69 15.03
C GLY B 269 -22.90 -13.52 14.39
N LYS B 270 -22.12 -14.19 15.24
CA LYS B 270 -21.14 -15.13 14.73
C LYS B 270 -20.78 -16.15 15.80
N ILE B 271 -19.99 -17.14 15.43
CA ILE B 271 -19.43 -18.08 16.40
C ILE B 271 -17.93 -17.84 16.43
N GLY B 272 -17.42 -17.42 17.58
CA GLY B 272 -16.02 -17.08 17.71
C GLY B 272 -15.12 -18.29 17.54
N THR B 273 -13.98 -18.09 16.89
CA THR B 273 -13.01 -19.16 16.66
C THR B 273 -11.60 -18.79 17.11
N ASP B 274 -11.46 -17.74 17.94
CA ASP B 274 -10.14 -17.28 18.38
C ASP B 274 -9.29 -18.39 19.00
N ILE B 275 -9.93 -19.32 19.70
CA ILE B 275 -9.21 -20.43 20.32
C ILE B 275 -8.66 -21.35 19.22
N GLU B 276 -9.52 -21.71 18.27
CA GLU B 276 -9.12 -22.50 17.11
C GLU B 276 -8.04 -21.80 16.29
N ASP B 277 -8.16 -20.49 16.13
CA ASP B 277 -7.27 -19.74 15.25
C ASP B 277 -5.91 -19.44 15.86
N PHE B 278 -5.71 -19.90 17.10
CA PHE B 278 -4.47 -19.65 17.84
C PHE B 278 -4.21 -18.15 18.03
N LYS B 279 -5.27 -17.41 18.34
CA LYS B 279 -5.13 -15.96 18.48
C LYS B 279 -4.51 -15.54 19.80
N CYS B 280 -3.67 -14.52 19.73
CA CYS B 280 -3.13 -13.90 20.95
C CYS B 280 -4.22 -13.07 21.60
N SER B 281 -5.30 -13.74 21.97
CA SER B 281 -6.41 -13.12 22.67
C SER B 281 -6.06 -12.74 24.12
N TRP B 282 -6.66 -11.67 24.61
CA TRP B 282 -6.54 -11.25 26.01
C TRP B 282 -6.92 -12.38 26.97
N LEU B 283 -7.92 -13.17 26.60
CA LEU B 283 -8.35 -14.30 27.40
C LEU B 283 -7.21 -15.31 27.63
N VAL B 284 -6.55 -15.72 26.55
CA VAL B 284 -5.49 -16.71 26.68
C VAL B 284 -4.29 -16.20 27.46
N VAL B 285 -3.92 -14.93 27.29
CA VAL B 285 -2.75 -14.41 28.01
C VAL B 285 -3.08 -14.18 29.47
N LYS B 286 -4.31 -13.77 29.77
CA LYS B 286 -4.75 -13.72 31.17
C LYS B 286 -4.80 -15.11 31.80
N ALA B 287 -5.32 -16.09 31.06
CA ALA B 287 -5.33 -17.46 31.55
C ALA B 287 -3.92 -17.92 31.89
N LEU B 288 -2.96 -17.62 31.02
CA LEU B 288 -1.58 -18.00 31.26
C LEU B 288 -0.99 -17.32 32.49
N GLU B 289 -1.35 -16.06 32.71
CA GLU B 289 -0.89 -15.30 33.87
C GLU B 289 -1.37 -15.93 35.19
N LEU B 290 -2.52 -16.60 35.13
CA LEU B 290 -3.17 -17.12 36.33
C LEU B 290 -3.10 -18.64 36.49
N ALA B 291 -2.84 -19.36 35.41
CA ALA B 291 -2.91 -20.80 35.44
C ALA B 291 -1.79 -21.46 36.25
N ASN B 292 -2.11 -22.59 36.87
CA ASN B 292 -1.07 -23.41 37.47
C ASN B 292 -0.43 -24.30 36.42
N GLU B 293 0.45 -25.19 36.85
CA GLU B 293 1.14 -26.08 35.92
C GLU B 293 0.15 -27.01 35.20
N GLU B 294 -0.81 -27.54 35.95
CA GLU B 294 -1.87 -28.38 35.37
C GLU B 294 -2.68 -27.62 34.33
N GLN B 295 -3.11 -26.41 34.69
CA GLN B 295 -3.93 -25.59 33.83
C GLN B 295 -3.14 -25.16 32.58
N LYS B 296 -1.91 -24.73 32.79
CA LYS B 296 -1.04 -24.29 31.69
C LYS B 296 -0.75 -25.41 30.68
N LYS B 297 -0.51 -26.62 31.17
CA LYS B 297 -0.25 -27.74 30.28
C LYS B 297 -1.48 -28.05 29.42
N THR B 298 -2.65 -27.92 30.00
CA THR B 298 -3.91 -28.10 29.27
C THR B 298 -4.05 -27.07 28.14
N LEU B 299 -3.77 -25.81 28.46
CA LEU B 299 -3.83 -24.73 27.49
C LEU B 299 -2.82 -24.99 26.37
N HIS B 300 -1.58 -25.28 26.76
CA HIS B 300 -0.54 -25.61 25.79
C HIS B 300 -0.96 -26.79 24.91
N GLU B 301 -1.71 -27.73 25.48
CA GLU B 301 -2.15 -28.91 24.75
C GLU B 301 -3.27 -28.64 23.75
N ASN B 302 -4.19 -27.74 24.09
CA ASN B 302 -5.42 -27.60 23.30
C ASN B 302 -5.63 -26.31 22.52
N TYR B 303 -4.95 -25.23 22.90
CA TYR B 303 -5.13 -23.96 22.21
C TYR B 303 -4.66 -24.07 20.75
N GLY B 304 -5.54 -23.68 19.82
CA GLY B 304 -5.20 -23.73 18.41
C GLY B 304 -5.62 -25.01 17.70
N LYS B 305 -6.43 -25.83 18.36
CA LYS B 305 -6.95 -27.06 17.75
C LYS B 305 -8.38 -26.86 17.28
N LYS B 306 -8.67 -27.32 16.05
CA LYS B 306 -10.01 -27.18 15.50
C LYS B 306 -10.99 -28.11 16.20
N ASP B 307 -10.46 -29.19 16.76
CA ASP B 307 -11.24 -30.16 17.53
C ASP B 307 -12.08 -29.49 18.61
N PRO B 308 -13.42 -29.58 18.48
CA PRO B 308 -14.36 -29.03 19.47
C PRO B 308 -14.15 -29.59 20.87
N ALA B 309 -13.55 -30.78 20.97
CA ALA B 309 -13.19 -31.34 22.25
C ALA B 309 -12.07 -30.52 22.89
N SER B 310 -11.08 -30.14 22.08
CA SER B 310 -9.97 -29.32 22.55
C SER B 310 -10.37 -27.87 22.82
N VAL B 311 -11.31 -27.36 22.02
CA VAL B 311 -11.82 -26.01 22.20
C VAL B 311 -12.53 -25.91 23.55
N ALA B 312 -13.33 -26.92 23.86
CA ALA B 312 -14.07 -26.95 25.12
C ALA B 312 -13.14 -27.14 26.32
N LYS B 313 -12.01 -27.81 26.12
CA LYS B 313 -11.02 -27.95 27.19
C LYS B 313 -10.40 -26.59 27.57
N VAL B 314 -10.23 -25.72 26.59
CA VAL B 314 -9.73 -24.38 26.86
C VAL B 314 -10.74 -23.57 27.67
N LYS B 315 -11.99 -23.56 27.22
CA LYS B 315 -13.06 -22.81 27.89
C LYS B 315 -13.23 -23.23 29.34
N GLU B 316 -13.05 -24.53 29.62
CA GLU B 316 -13.18 -25.01 30.99
C GLU B 316 -12.13 -24.39 31.92
N VAL B 317 -10.89 -24.32 31.43
CA VAL B 317 -9.84 -23.61 32.14
C VAL B 317 -10.24 -22.16 32.36
N TYR B 318 -10.74 -21.51 31.30
CA TYR B 318 -11.18 -20.11 31.36
C TYR B 318 -12.24 -19.95 32.44
N HIS B 319 -13.13 -20.93 32.52
CA HIS B 319 -14.18 -20.93 33.54
C HIS B 319 -13.63 -21.17 34.94
N THR B 320 -12.64 -22.06 35.04
CA THR B 320 -12.06 -22.37 36.34
C THR B 320 -11.33 -21.15 36.92
N LEU B 321 -10.64 -20.41 36.06
CA LEU B 321 -9.92 -19.23 36.49
C LEU B 321 -10.84 -18.01 36.65
N ASN B 322 -12.13 -18.22 36.35
CA ASN B 322 -13.14 -17.18 36.46
C ASN B 322 -12.80 -15.93 35.64
N LEU B 323 -12.46 -16.13 34.37
CA LEU B 323 -12.08 -15.02 33.52
C LEU B 323 -13.23 -14.04 33.28
N GLN B 324 -14.47 -14.49 33.47
CA GLN B 324 -15.62 -13.59 33.39
C GLN B 324 -15.51 -12.48 34.43
N ALA B 325 -15.27 -12.87 35.68
CA ALA B 325 -15.13 -11.92 36.76
C ALA B 325 -13.88 -11.08 36.58
N VAL B 326 -12.83 -11.69 36.01
CA VAL B 326 -11.60 -10.96 35.71
C VAL B 326 -11.85 -9.90 34.63
N PHE B 327 -12.60 -10.26 33.58
CA PHE B 327 -12.96 -9.26 32.57
C PHE B 327 -13.86 -8.19 33.18
N GLU B 328 -14.85 -8.60 33.98
CA GLU B 328 -15.74 -7.66 34.64
C GLU B 328 -14.97 -6.61 35.44
N ASP B 329 -13.92 -7.07 36.14
CA ASP B 329 -13.09 -6.16 36.91
C ASP B 329 -12.31 -5.23 35.99
N TYR B 330 -11.72 -5.78 34.92
CA TYR B 330 -11.00 -4.96 33.97
C TYR B 330 -11.92 -3.92 33.31
N GLU B 331 -13.16 -4.31 33.02
CA GLU B 331 -14.09 -3.38 32.39
C GLU B 331 -14.41 -2.21 33.31
N ALA B 332 -14.87 -2.53 34.53
CA ALA B 332 -15.19 -1.51 35.52
C ALA B 332 -14.01 -0.57 35.83
N THR B 333 -12.83 -1.14 35.99
CA THR B 333 -11.62 -0.35 36.20
C THR B 333 -11.32 0.55 34.99
N SER B 334 -11.37 -0.02 33.78
CA SER B 334 -11.12 0.76 32.57
C SER B 334 -12.11 1.90 32.37
N TYR B 335 -13.40 1.62 32.57
CA TYR B 335 -14.42 2.64 32.40
C TYR B 335 -14.18 3.83 33.33
N LYS B 336 -13.93 3.53 34.60
CA LYS B 336 -13.69 4.57 35.59
C LYS B 336 -12.48 5.44 35.23
N LYS B 337 -11.39 4.82 34.79
CA LYS B 337 -10.20 5.55 34.39
C LYS B 337 -10.51 6.47 33.21
N LEU B 338 -11.22 5.94 32.22
CA LEU B 338 -11.51 6.68 31.01
C LEU B 338 -12.45 7.86 31.32
N ILE B 339 -13.50 7.58 32.07
CA ILE B 339 -14.44 8.62 32.48
C ILE B 339 -13.71 9.71 33.25
N THR B 340 -12.80 9.30 34.14
CA THR B 340 -11.98 10.23 34.90
C THR B 340 -11.08 11.13 34.01
N SER B 341 -10.40 10.53 33.04
CA SER B 341 -9.52 11.32 32.15
C SER B 341 -10.34 12.27 31.31
N ILE B 342 -11.46 11.78 30.79
CA ILE B 342 -12.33 12.62 29.99
C ILE B 342 -12.82 13.84 30.79
N GLU B 343 -13.32 13.64 32.01
CA GLU B 343 -13.87 14.75 32.77
C GLU B 343 -12.81 15.70 33.28
N ASN B 344 -11.54 15.28 33.22
CA ASN B 344 -10.45 16.21 33.49
C ASN B 344 -10.10 17.07 32.29
N HIS B 345 -10.61 16.74 31.11
CA HIS B 345 -10.16 17.49 29.92
C HIS B 345 -10.56 18.97 29.96
N PRO B 346 -9.61 19.86 29.61
CA PRO B 346 -9.86 21.31 29.68
C PRO B 346 -11.03 21.78 28.80
N SER B 347 -11.29 21.08 27.69
CA SER B 347 -12.33 21.50 26.75
C SER B 347 -13.61 20.68 26.90
N LYS B 348 -14.71 21.34 27.21
CA LYS B 348 -15.98 20.63 27.34
C LYS B 348 -16.50 20.12 25.99
N ALA B 349 -16.11 20.76 24.89
CA ALA B 349 -16.50 20.26 23.57
C ALA B 349 -15.78 18.94 23.29
N VAL B 350 -14.50 18.87 23.65
CA VAL B 350 -13.73 17.63 23.50
C VAL B 350 -14.30 16.52 24.41
N GLN B 351 -14.71 16.88 25.63
CA GLN B 351 -15.35 15.91 26.52
C GLN B 351 -16.61 15.31 25.85
N ALA B 352 -17.40 16.14 25.17
CA ALA B 352 -18.58 15.63 24.47
C ALA B 352 -18.19 14.62 23.39
N VAL B 353 -17.10 14.91 22.67
CA VAL B 353 -16.63 13.98 21.65
C VAL B 353 -16.25 12.65 22.29
N LEU B 354 -15.48 12.73 23.37
CA LEU B 354 -14.95 11.54 24.01
C LEU B 354 -16.05 10.72 24.70
N LYS B 355 -16.95 11.39 25.42
CA LYS B 355 -18.08 10.70 26.07
C LYS B 355 -18.96 9.97 25.06
N SER B 356 -19.12 10.56 23.88
CA SER B 356 -19.88 9.91 22.82
C SER B 356 -19.23 8.61 22.35
N PHE B 357 -17.90 8.59 22.24
CA PHE B 357 -17.21 7.36 21.87
C PHE B 357 -17.34 6.33 22.98
N LEU B 358 -17.15 6.75 24.21
CA LEU B 358 -17.21 5.84 25.36
C LEU B 358 -18.58 5.18 25.46
N GLY B 359 -19.64 6.00 25.34
CA GLY B 359 -21.00 5.49 25.44
C GLY B 359 -21.36 4.58 24.29
N LYS B 360 -20.67 4.74 23.16
CA LYS B 360 -20.89 3.90 22.00
C LYS B 360 -20.40 2.46 22.26
N ILE B 361 -19.46 2.30 23.19
CA ILE B 361 -18.83 0.99 23.41
C ILE B 361 -18.97 0.36 24.81
N TYR B 362 -19.25 1.17 25.82
CA TYR B 362 -19.35 0.67 27.20
C TYR B 362 -20.44 -0.39 27.35
N LYS B 363 -20.07 -1.52 27.95
CA LYS B 363 -20.99 -2.63 28.16
C LYS B 363 -21.74 -3.06 26.90
N ARG B 364 -21.13 -2.87 25.74
CA ARG B 364 -21.70 -3.36 24.49
C ARG B 364 -21.80 -4.88 24.54
N GLN B 365 -22.72 -5.44 23.78
CA GLN B 365 -22.89 -6.89 23.75
C GLN B 365 -22.45 -7.47 22.40
N LYS B 366 -22.04 -6.58 21.50
CA LYS B 366 -21.51 -6.96 20.19
C LYS B 366 -20.52 -5.91 19.69
#